data_3LAQ
#
_entry.id   3LAQ
#
_cell.length_a   61.421
_cell.length_b   137.248
_cell.length_c   65.785
_cell.angle_alpha   90.00
_cell.angle_beta   106.17
_cell.angle_gamma   90.00
#
_symmetry.space_group_name_H-M   'P 1 21 1'
#
loop_
_entity.id
_entity.type
_entity.pdbx_description
1 polymer 'Urokinase-type plasminogen activator'
2 polymer 'Urokinase plasminogen activator surface receptor'
3 non-polymer 2-acetamido-2-deoxy-beta-D-glucopyranose
#
loop_
_entity_poly.entity_id
_entity_poly.type
_entity_poly.pdbx_seq_one_letter_code
_entity_poly.pdbx_strand_id
1 'polypeptide(L)'
;GSVLGAPDESNCGCQNGGVCVSYKYFSRIRRCSCPRKFQGEHCEIDASKTCYHGNGDSYRGKANTDTKGRPCLAWNAPAV
LQKPYNAHRPDAISLGLGKHNYCRNPDNQKRPWCYVQIGLRQFVQECMVHDCSL
;
A,B
2 'polypeptide(L)'
;LQCMQCESNQSCLVEECALGQDLCRTTVLREWQDDRELEVVTRGCAHSEKTNRTMSYRMGSMIISLTETVCATNLCNRPR
PGARGRAFPQGRYLECASCTSLDQSCERGREQSLQCRYPTEHCIEVVTLQSTERSLKDEDYTRGCGSLPGCPGTAGFHSN
QTFHFLKCCNYTHCNGGPVLDLQSFPPNGFQCYSCEGNNTLGCSSEEASLINCRGPMNQCLVATGLDVLGNRSYTVRGCA
TASWCQGSHVADSFPTHLNVSVSCCHGSGCNSPTGGA
;
U,V
#
# COMPACT_ATOMS: atom_id res chain seq x y z
N GLU A 9 22.42 -7.22 -0.65
CA GLU A 9 21.73 -6.13 -1.41
C GLU A 9 21.14 -4.98 -0.52
N SER A 10 20.32 -4.14 -1.16
CA SER A 10 19.94 -2.82 -0.64
C SER A 10 18.44 -2.62 -0.70
N ASN A 11 17.89 -2.50 -1.92
CA ASN A 11 16.46 -2.26 -2.18
C ASN A 11 15.60 -2.11 -0.92
N CYS A 12 15.93 -1.08 -0.13
CA CYS A 12 15.18 -0.69 1.06
C CYS A 12 15.24 0.83 1.19
N GLY A 13 15.98 1.47 0.27
CA GLY A 13 16.30 2.90 0.36
C GLY A 13 17.79 3.08 0.64
N CYS A 14 18.53 2.00 0.50
CA CYS A 14 19.92 1.96 0.89
C CYS A 14 20.82 2.51 -0.17
N GLN A 15 20.98 3.82 -0.11
CA GLN A 15 21.86 4.52 -1.01
C GLN A 15 23.32 4.04 -0.83
N ASN A 16 24.12 4.29 -1.87
CA ASN A 16 25.55 3.92 -1.95
C ASN A 16 25.83 2.44 -1.73
N GLY A 17 26.81 2.13 -0.90
CA GLY A 17 27.10 0.74 -0.57
C GLY A 17 26.23 0.21 0.58
N GLY A 18 25.11 0.88 0.84
CA GLY A 18 24.18 0.49 1.89
C GLY A 18 23.78 -0.97 1.83
N VAL A 19 23.74 -1.63 2.99
CA VAL A 19 23.26 -3.02 3.07
C VAL A 19 21.97 -3.12 3.91
N CYS A 20 20.96 -3.75 3.32
CA CYS A 20 19.70 -3.85 3.99
C CYS A 20 19.70 -5.06 4.90
N VAL A 21 19.63 -4.77 6.20
CA VAL A 21 19.44 -5.79 7.24
C VAL A 21 18.13 -5.50 8.00
N SER A 22 17.28 -6.49 8.12
CA SER A 22 15.99 -6.35 8.83
C SER A 22 16.00 -7.05 10.21
N TYR A 23 14.83 -7.20 10.84
CA TYR A 23 14.81 -7.70 12.21
C TYR A 23 13.51 -8.39 12.63
N LYS A 24 13.48 -9.71 12.50
CA LYS A 24 12.20 -10.42 12.58
C LYS A 24 11.34 -10.14 13.82
N TYR A 25 11.91 -10.31 15.01
CA TYR A 25 11.14 -10.13 16.24
C TYR A 25 10.71 -8.68 16.44
N PHE A 26 11.38 -7.77 15.75
CA PHE A 26 11.00 -6.38 15.87
C PHE A 26 10.32 -5.87 14.61
N SER A 27 9.25 -6.56 14.22
CA SER A 27 8.37 -6.12 13.15
C SER A 27 9.03 -5.69 11.81
N ARG A 28 9.93 -6.54 11.30
CA ARG A 28 10.65 -6.37 10.03
C ARG A 28 11.20 -4.95 9.80
N ILE A 29 11.31 -4.18 10.89
CA ILE A 29 12.05 -2.91 10.93
C ILE A 29 13.41 -3.13 10.29
N ARG A 30 13.89 -2.12 9.58
CA ARG A 30 15.11 -2.26 8.80
C ARG A 30 16.06 -1.20 9.24
N ARG A 31 17.36 -1.45 9.09
CA ARG A 31 18.36 -0.39 9.18
C ARG A 31 19.35 -0.70 8.11
N CYS A 32 20.07 0.34 7.70
CA CYS A 32 21.05 0.27 6.63
C CYS A 32 22.47 0.11 7.25
N SER A 33 23.31 -0.74 6.68
CA SER A 33 24.68 -0.91 7.22
C SER A 33 25.66 -0.17 6.34
N CYS A 34 26.04 1.03 6.76
CA CYS A 34 26.76 1.95 5.90
C CYS A 34 28.27 1.68 5.80
N PRO A 35 28.89 2.05 4.67
CA PRO A 35 30.33 2.11 4.55
C PRO A 35 30.82 3.40 5.17
N ARG A 36 32.14 3.55 5.29
CA ARG A 36 32.69 4.64 6.10
C ARG A 36 32.29 6.02 5.60
N LYS A 37 32.24 6.18 4.28
CA LYS A 37 31.98 7.48 3.64
C LYS A 37 30.58 8.04 3.89
N PHE A 38 29.58 7.14 3.93
CA PHE A 38 28.18 7.56 3.97
C PHE A 38 27.46 7.24 5.25
N GLN A 39 27.22 8.27 6.03
CA GLN A 39 26.53 8.12 7.30
C GLN A 39 25.05 8.23 7.07
N GLY A 40 24.27 8.16 8.14
CA GLY A 40 22.83 8.43 8.02
C GLY A 40 21.96 7.25 7.59
N GLU A 41 20.66 7.38 7.83
CA GLU A 41 19.70 6.26 7.85
C GLU A 41 19.49 5.60 6.52
N HIS A 42 20.17 6.09 5.48
CA HIS A 42 20.07 5.44 4.20
C HIS A 42 21.43 5.37 3.54
N CYS A 43 22.42 5.91 4.25
CA CYS A 43 23.74 6.09 3.69
C CYS A 43 23.45 7.13 2.64
N GLU A 44 22.86 8.20 3.11
CA GLU A 44 22.36 9.27 2.31
C GLU A 44 23.32 10.43 2.41
N ILE A 45 24.35 10.24 3.25
CA ILE A 45 25.24 11.32 3.70
C ILE A 45 26.71 11.13 3.29
N ASP A 46 27.24 11.99 2.43
CA ASP A 46 28.67 11.90 2.08
C ASP A 46 29.41 12.77 3.04
N ALA A 47 30.02 12.11 4.02
CA ALA A 47 30.61 12.83 5.12
C ALA A 47 32.00 13.34 4.79
N SER A 48 32.51 13.01 3.60
CA SER A 48 33.79 13.51 3.11
C SER A 48 33.67 14.93 2.53
N LYS A 49 32.56 15.21 1.85
CA LYS A 49 32.29 16.53 1.34
C LYS A 49 32.51 17.68 2.34
N THR A 50 33.27 18.66 1.86
CA THR A 50 33.77 19.74 2.68
C THR A 50 33.39 21.11 2.08
N CYS A 51 33.32 21.17 0.74
CA CYS A 51 32.71 22.27 0.00
C CYS A 51 31.45 21.79 -0.75
N TYR A 52 30.69 22.72 -1.34
CA TYR A 52 29.58 22.35 -2.24
C TYR A 52 29.74 22.87 -3.70
N HIS A 53 29.07 22.19 -4.63
CA HIS A 53 29.32 22.36 -6.05
C HIS A 53 28.23 23.12 -6.75
N GLY A 54 28.61 24.28 -7.26
CA GLY A 54 27.70 25.12 -8.01
C GLY A 54 26.83 25.90 -7.05
N ASN A 55 25.57 25.51 -6.99
CA ASN A 55 24.62 26.20 -6.15
C ASN A 55 24.30 25.43 -4.85
N GLY A 56 24.39 24.11 -4.92
CA GLY A 56 24.17 23.30 -3.75
C GLY A 56 23.10 22.26 -3.91
N ASP A 57 22.17 22.44 -4.85
CA ASP A 57 21.04 21.51 -5.02
C ASP A 57 21.46 20.04 -4.78
N SER A 58 22.72 19.75 -5.05
CA SER A 58 23.27 18.41 -4.88
C SER A 58 23.88 18.13 -3.49
N TYR A 59 24.25 19.18 -2.76
CA TYR A 59 25.02 19.06 -1.52
C TYR A 59 24.36 18.18 -0.47
N ARG A 60 25.08 17.13 -0.07
CA ARG A 60 24.55 16.23 0.93
C ARG A 60 25.50 16.17 2.14
N GLY A 61 26.27 17.22 2.33
CA GLY A 61 27.28 17.18 3.37
C GLY A 61 26.67 17.50 4.70
N LYS A 62 27.51 18.00 5.61
CA LYS A 62 27.21 18.08 7.02
C LYS A 62 27.49 19.42 7.65
N ALA A 63 27.41 20.48 6.86
CA ALA A 63 27.43 21.81 7.48
C ALA A 63 26.20 21.90 8.34
N ASN A 64 26.33 22.43 9.55
CA ASN A 64 25.13 22.62 10.35
C ASN A 64 25.05 24.00 10.97
N THR A 65 26.03 24.86 10.80
CA THR A 65 25.83 26.17 11.38
C THR A 65 25.50 27.24 10.34
N ASP A 66 25.41 28.47 10.81
CA ASP A 66 25.04 29.56 9.93
C ASP A 66 26.08 30.67 10.02
N THR A 67 26.01 31.55 9.05
CA THR A 67 26.98 32.57 8.82
C THR A 67 27.07 33.63 9.93
N LYS A 68 26.39 33.37 11.06
CA LYS A 68 26.58 34.19 12.29
C LYS A 68 27.03 33.36 13.50
N GLY A 69 26.95 32.04 13.37
CA GLY A 69 27.33 31.13 14.43
C GLY A 69 26.27 30.07 14.72
N ARG A 70 25.05 30.54 14.95
CA ARG A 70 23.86 29.73 15.32
C ARG A 70 23.79 28.34 14.68
N PRO A 71 23.27 27.36 15.44
CA PRO A 71 23.13 26.02 14.83
C PRO A 71 21.80 25.86 14.09
N CYS A 72 21.79 24.99 13.10
CA CYS A 72 20.59 24.70 12.31
C CYS A 72 19.63 23.90 13.13
N LEU A 73 18.35 23.98 12.77
CA LEU A 73 17.36 23.19 13.45
C LEU A 73 17.16 21.91 12.67
N ALA A 74 16.85 20.83 13.36
CA ALA A 74 16.70 19.53 12.73
C ALA A 74 15.50 19.54 11.80
N TRP A 75 15.68 19.00 10.60
CA TRP A 75 14.54 18.79 9.71
C TRP A 75 13.45 17.96 10.38
N ASN A 76 13.82 17.26 11.45
CA ASN A 76 12.91 16.60 12.39
C ASN A 76 12.04 17.53 13.14
N ALA A 77 12.68 18.48 13.83
CA ALA A 77 12.07 19.35 14.84
C ALA A 77 10.57 19.51 14.78
N PRO A 78 9.93 19.45 15.95
CA PRO A 78 8.51 19.78 16.01
C PRO A 78 8.31 21.21 15.47
N ALA A 79 9.25 22.10 15.83
CA ALA A 79 9.31 23.46 15.29
C ALA A 79 9.22 23.45 13.76
N VAL A 80 10.25 22.89 13.12
CA VAL A 80 10.40 22.81 11.67
C VAL A 80 9.26 22.09 10.93
N LEU A 81 8.59 21.16 11.60
CA LEU A 81 7.52 20.42 10.91
C LEU A 81 6.33 21.29 10.47
N GLN A 82 6.30 22.55 10.91
CA GLN A 82 5.34 23.53 10.39
C GLN A 82 5.86 24.12 9.10
N LYS A 83 7.18 24.33 9.04
CA LYS A 83 7.81 24.92 7.87
C LYS A 83 7.65 23.98 6.65
N PRO A 84 7.60 24.55 5.42
CA PRO A 84 7.21 23.74 4.26
C PRO A 84 8.22 22.65 3.91
N TYR A 85 9.50 22.98 4.08
CA TYR A 85 10.55 22.05 3.76
C TYR A 85 11.01 21.43 5.03
N ASN A 86 10.61 20.18 5.23
CA ASN A 86 10.94 19.42 6.44
C ASN A 86 10.93 17.91 6.23
N ALA A 87 11.42 17.16 7.20
CA ALA A 87 11.71 15.75 7.00
C ALA A 87 10.51 14.85 6.73
N HIS A 88 9.31 15.31 7.00
CA HIS A 88 8.16 14.44 6.76
C HIS A 88 7.68 14.52 5.32
N ARG A 89 8.06 15.59 4.60
CA ARG A 89 7.78 15.74 3.18
C ARG A 89 7.76 14.37 2.54
N PRO A 90 6.79 14.13 1.67
CA PRO A 90 6.74 12.86 0.93
C PRO A 90 7.95 12.69 0.02
N ASP A 91 8.60 13.80 -0.33
CA ASP A 91 9.71 13.83 -1.28
C ASP A 91 11.07 13.87 -0.59
N ALA A 92 11.04 14.05 0.74
CA ALA A 92 12.22 14.38 1.57
C ALA A 92 13.46 13.53 1.32
N ILE A 93 13.25 12.24 1.08
CA ILE A 93 14.32 11.32 0.73
C ILE A 93 15.27 11.85 -0.37
N SER A 94 14.76 12.04 -1.58
CA SER A 94 15.56 12.51 -2.71
C SER A 94 16.18 13.90 -2.50
N LEU A 95 15.53 14.75 -1.71
CA LEU A 95 16.08 16.09 -1.42
C LEU A 95 17.10 16.21 -0.26
N GLY A 96 17.46 15.10 0.38
CA GLY A 96 18.50 15.12 1.40
C GLY A 96 18.00 15.40 2.80
N LEU A 97 16.83 16.02 2.92
CA LEU A 97 16.23 16.36 4.23
C LEU A 97 15.83 15.10 5.01
N GLY A 98 16.32 15.00 6.24
CA GLY A 98 16.11 13.78 7.03
C GLY A 98 16.43 14.09 8.48
N LYS A 99 16.52 13.04 9.28
CA LYS A 99 16.58 13.15 10.75
C LYS A 99 17.72 14.00 11.25
N HIS A 100 18.40 14.68 10.33
CA HIS A 100 19.55 15.50 10.67
C HIS A 100 19.24 16.96 10.69
N ASN A 101 20.33 17.71 10.65
CA ASN A 101 20.41 19.06 11.15
C ASN A 101 21.23 19.81 10.16
N TYR A 102 21.46 19.18 9.01
CA TYR A 102 22.46 19.70 8.11
C TYR A 102 21.96 20.82 7.24
N CYS A 103 22.66 21.06 6.15
CA CYS A 103 22.26 22.11 5.28
C CYS A 103 21.83 21.52 4.03
N ARG A 104 20.80 22.11 3.48
CA ARG A 104 20.34 21.63 2.23
C ARG A 104 19.93 22.87 1.49
N ASN A 105 19.51 22.68 0.25
CA ASN A 105 18.95 23.72 -0.57
C ASN A 105 18.07 23.04 -1.57
N PRO A 106 16.89 22.56 -1.12
CA PRO A 106 15.95 21.69 -1.90
C PRO A 106 15.15 22.45 -2.98
N ASP A 107 14.55 23.57 -2.61
CA ASP A 107 14.04 24.52 -3.60
C ASP A 107 15.25 25.18 -4.24
N ASN A 108 15.04 26.27 -4.97
CA ASN A 108 16.18 27.06 -5.40
C ASN A 108 16.62 28.01 -4.33
N GLN A 109 17.83 28.53 -4.49
CA GLN A 109 18.47 29.43 -3.52
C GLN A 109 19.98 29.44 -3.74
N LYS A 110 20.56 30.63 -3.88
CA LYS A 110 22.00 30.77 -4.08
C LYS A 110 22.79 29.58 -3.52
N ARG A 111 22.82 29.42 -2.19
CA ARG A 111 23.58 28.35 -1.51
C ARG A 111 22.70 27.49 -0.60
N PRO A 112 23.30 26.56 0.21
CA PRO A 112 22.44 25.83 1.15
C PRO A 112 22.20 26.59 2.42
N TRP A 113 21.03 26.32 3.00
CA TRP A 113 20.50 27.09 4.13
C TRP A 113 19.89 26.13 5.13
N CYS A 114 19.34 26.69 6.20
CA CYS A 114 18.59 25.89 7.17
C CYS A 114 17.82 26.79 8.10
N TYR A 115 16.79 26.20 8.70
CA TYR A 115 15.89 26.94 9.58
C TYR A 115 16.53 27.16 10.95
N VAL A 116 16.67 28.42 11.29
CA VAL A 116 17.49 28.79 12.42
C VAL A 116 16.62 29.46 13.44
N GLN A 117 16.80 29.09 14.69
CA GLN A 117 16.05 29.74 15.76
C GLN A 117 16.77 31.05 16.07
N ILE A 118 16.03 32.15 16.22
CA ILE A 118 16.61 33.42 16.66
C ILE A 118 15.53 34.15 17.43
N GLY A 119 15.81 34.42 18.70
CA GLY A 119 14.75 34.75 19.65
C GLY A 119 13.67 33.67 19.58
N LEU A 120 12.46 34.09 19.21
CA LEU A 120 11.30 33.20 19.20
C LEU A 120 11.04 32.50 17.86
N ARG A 121 11.16 33.25 16.76
CA ARG A 121 10.82 32.76 15.42
C ARG A 121 11.79 31.76 14.79
N GLN A 122 11.40 31.25 13.63
CA GLN A 122 12.27 30.40 12.83
C GLN A 122 12.61 31.01 11.49
N PHE A 123 13.57 31.92 11.50
CA PHE A 123 14.18 32.42 10.29
C PHE A 123 14.95 31.34 9.49
N VAL A 124 14.93 31.47 8.17
CA VAL A 124 15.73 30.64 7.30
C VAL A 124 17.03 31.35 7.02
N GLN A 125 18.11 30.81 7.59
CA GLN A 125 19.42 31.42 7.44
C GLN A 125 20.33 30.57 6.56
N GLU A 126 21.42 31.19 6.13
CA GLU A 126 22.36 30.61 5.18
C GLU A 126 23.53 29.88 5.84
N CYS A 127 23.80 28.66 5.37
CA CYS A 127 24.84 27.84 5.93
C CYS A 127 26.26 28.36 5.68
N MET A 128 27.26 27.66 6.22
CA MET A 128 28.66 28.03 5.99
C MET A 128 29.36 27.41 4.81
N VAL A 129 29.35 26.08 4.74
CA VAL A 129 30.00 25.35 3.65
C VAL A 129 30.66 26.23 2.57
N HIS A 130 31.99 26.27 2.54
CA HIS A 130 32.67 27.04 1.50
C HIS A 130 32.36 26.45 0.15
N ASP A 131 32.26 27.33 -0.82
CA ASP A 131 32.15 27.01 -2.23
C ASP A 131 33.52 26.53 -2.72
N CYS A 132 33.52 25.73 -3.77
CA CYS A 132 34.78 25.48 -4.48
C CYS A 132 34.96 26.55 -5.62
N LEU B 1 -9.68 -0.93 17.74
CA LEU B 1 -8.81 -0.10 18.64
C LEU B 1 -8.14 0.99 17.79
N GLN B 2 -8.34 2.25 18.16
CA GLN B 2 -7.59 3.34 17.55
C GLN B 2 -6.16 3.28 18.05
N CYS B 3 -5.24 3.40 17.10
CA CYS B 3 -3.83 3.51 17.44
C CYS B 3 -3.00 4.17 16.37
N MET B 4 -2.13 5.10 16.76
CA MET B 4 -1.27 5.82 15.81
C MET B 4 -0.46 4.83 15.01
N GLN B 5 -0.27 5.15 13.73
CA GLN B 5 0.54 4.34 12.83
C GLN B 5 1.42 5.26 12.05
N CYS B 6 2.64 4.83 11.75
CA CYS B 6 3.58 5.63 10.98
C CYS B 6 4.94 4.97 10.94
N GLU B 7 5.35 4.59 9.74
CA GLU B 7 6.70 4.18 9.43
C GLU B 7 7.66 5.34 9.67
N SER B 8 8.94 5.09 9.38
CA SER B 8 10.05 5.95 9.78
C SER B 8 9.86 7.47 9.66
N ASN B 9 9.99 8.00 8.44
CA ASN B 9 10.09 9.44 8.19
C ASN B 9 8.70 10.05 8.02
N GLN B 10 7.69 9.22 8.21
CA GLN B 10 6.31 9.61 8.00
C GLN B 10 5.80 10.34 9.19
N SER B 11 4.65 10.99 9.04
CA SER B 11 3.91 11.53 10.16
C SER B 11 2.94 10.44 10.55
N CYS B 12 2.31 10.57 11.71
CA CYS B 12 1.40 9.53 12.17
C CYS B 12 -0.06 9.77 11.91
N LEU B 13 -0.69 8.66 11.56
CA LEU B 13 -2.10 8.57 11.27
C LEU B 13 -2.79 7.93 12.46
N VAL B 14 -4.09 8.16 12.59
CA VAL B 14 -4.87 7.43 13.57
C VAL B 14 -5.41 6.19 12.90
N GLU B 15 -4.63 5.12 12.91
CA GLU B 15 -5.03 3.84 12.37
C GLU B 15 -6.01 3.27 13.38
N GLU B 16 -6.64 2.14 13.05
CA GLU B 16 -7.71 1.62 13.87
C GLU B 16 -7.89 0.16 13.59
N CYS B 17 -7.53 -0.68 14.58
CA CYS B 17 -7.29 -2.09 14.34
C CYS B 17 -8.55 -2.90 14.11
N ALA B 18 -8.43 -4.09 13.53
CA ALA B 18 -9.59 -4.95 13.34
C ALA B 18 -9.59 -6.10 14.33
N LEU B 19 -10.75 -6.77 14.45
CA LEU B 19 -10.85 -7.96 15.26
C LEU B 19 -9.66 -8.84 14.92
N GLY B 20 -8.75 -8.92 15.88
CA GLY B 20 -7.52 -9.70 15.77
C GLY B 20 -6.39 -8.91 16.39
N GLN B 21 -6.38 -7.61 16.13
CA GLN B 21 -5.30 -6.73 16.55
C GLN B 21 -5.78 -5.92 17.73
N ASP B 22 -5.04 -6.01 18.84
CA ASP B 22 -5.51 -5.43 20.11
C ASP B 22 -4.41 -4.82 20.93
N LEU B 23 -3.34 -4.43 20.25
CA LEU B 23 -2.18 -3.90 20.93
C LEU B 23 -1.57 -2.84 20.06
N CYS B 24 -0.76 -1.96 20.66
CA CYS B 24 -0.16 -0.87 19.89
C CYS B 24 1.33 -0.81 19.90
N ARG B 25 1.88 -1.27 18.78
CA ARG B 25 3.30 -1.39 18.58
C ARG B 25 3.91 -0.02 18.57
N THR B 26 5.13 0.06 19.12
CA THR B 26 5.99 1.25 19.12
C THR B 26 7.41 0.73 19.12
N THR B 27 7.86 0.24 17.98
CA THR B 27 9.22 -0.22 17.82
C THR B 27 10.22 0.93 17.65
N VAL B 28 11.28 0.97 18.46
CA VAL B 28 12.39 1.87 18.22
C VAL B 28 13.67 1.09 17.95
N LEU B 29 14.46 1.57 16.97
CA LEU B 29 15.82 1.07 16.68
C LEU B 29 16.83 2.22 16.83
N ARG B 30 17.90 2.02 17.61
CA ARG B 30 18.92 3.05 17.86
C ARG B 30 20.28 2.53 17.43
N GLU B 31 21.23 3.43 17.21
CA GLU B 31 22.63 3.08 16.99
C GLU B 31 23.48 4.15 17.63
N TRP B 32 24.57 3.73 18.26
CA TRP B 32 25.57 4.66 18.70
C TRP B 32 26.86 4.21 18.06
N GLN B 33 27.67 5.19 17.73
CA GLN B 33 28.99 4.96 17.26
C GLN B 33 29.58 6.34 17.20
N ASP B 34 30.86 6.43 17.56
CA ASP B 34 31.63 7.68 17.47
C ASP B 34 30.77 8.94 17.75
N ASP B 35 30.20 8.97 18.96
CA ASP B 35 29.15 9.91 19.36
C ASP B 35 28.16 10.38 18.27
N ARG B 36 27.56 9.44 17.55
CA ARG B 36 26.43 9.78 16.69
C ARG B 36 25.30 8.80 16.98
N GLU B 37 24.30 9.23 17.76
CA GLU B 37 23.09 8.42 17.97
C GLU B 37 22.09 8.75 16.87
N LEU B 38 21.60 7.72 16.21
CA LEU B 38 20.61 7.87 15.18
C LEU B 38 19.55 6.87 15.54
N GLU B 39 18.30 7.32 15.68
CA GLU B 39 17.21 6.44 16.13
C GLU B 39 15.94 6.45 15.28
N VAL B 40 15.49 5.27 14.87
CA VAL B 40 14.31 5.10 14.00
C VAL B 40 13.17 4.31 14.64
N VAL B 41 12.05 5.00 14.82
CA VAL B 41 10.82 4.50 15.42
C VAL B 41 9.76 4.15 14.37
N THR B 42 9.07 3.03 14.53
CA THR B 42 7.88 2.79 13.76
C THR B 42 6.77 2.37 14.70
N ARG B 43 5.57 2.86 14.43
CA ARG B 43 4.38 2.56 15.22
C ARG B 43 3.24 2.04 14.33
N GLY B 44 2.26 1.40 14.95
CA GLY B 44 1.15 0.84 14.21
C GLY B 44 0.43 -0.10 15.14
N CYS B 45 -0.65 -0.73 14.65
CA CYS B 45 -1.37 -1.75 15.42
C CYS B 45 -0.49 -2.96 15.53
N ALA B 46 -0.50 -3.59 16.71
CA ALA B 46 0.25 -4.80 16.95
C ALA B 46 -0.60 -6.03 16.67
N HIS B 47 -0.81 -6.82 17.72
CA HIS B 47 -1.60 -8.02 17.57
C HIS B 47 -1.89 -8.74 18.85
N SER B 48 -2.74 -9.77 18.69
CA SER B 48 -3.24 -10.61 19.77
C SER B 48 -2.17 -10.83 20.85
N GLU B 49 -1.04 -11.39 20.44
CA GLU B 49 -0.01 -11.81 21.37
C GLU B 49 1.43 -11.44 20.93
N LYS B 50 1.87 -10.24 21.30
CA LYS B 50 3.28 -9.83 21.23
C LYS B 50 3.62 -9.25 22.59
N THR B 51 4.92 -9.17 22.88
CA THR B 51 5.46 -9.02 24.26
C THR B 51 6.49 -7.91 24.37
N ASN B 52 6.37 -7.04 25.37
CA ASN B 52 7.41 -6.04 25.54
C ASN B 52 8.79 -6.67 25.44
N ARG B 53 9.45 -6.46 24.29
CA ARG B 53 10.73 -7.12 24.03
C ARG B 53 11.89 -6.18 23.74
N THR B 54 13.10 -6.69 23.97
CA THR B 54 14.37 -5.93 23.91
C THR B 54 15.55 -6.74 23.38
N MET B 55 16.41 -6.11 22.58
CA MET B 55 17.59 -6.76 22.02
C MET B 55 18.63 -5.71 21.77
N SER B 56 19.89 -6.07 21.97
CA SER B 56 21.02 -5.20 21.58
C SER B 56 22.28 -6.02 21.36
N TYR B 57 23.10 -5.55 20.44
CA TYR B 57 24.38 -6.20 20.13
C TYR B 57 25.33 -5.18 19.50
N ARG B 58 26.57 -5.59 19.28
CA ARG B 58 27.48 -4.72 18.56
C ARG B 58 28.14 -5.33 17.33
N MET B 59 28.10 -4.55 16.27
CA MET B 59 28.79 -4.85 15.05
C MET B 59 29.91 -3.82 14.97
N GLY B 60 31.13 -4.27 14.73
CA GLY B 60 32.26 -3.35 14.69
C GLY B 60 32.23 -2.39 15.87
N SER B 61 32.52 -1.12 15.60
CA SER B 61 32.65 -0.11 16.65
C SER B 61 31.32 0.50 17.11
N MET B 62 30.19 -0.11 16.74
CA MET B 62 28.85 0.41 17.07
C MET B 62 27.95 -0.53 17.89
N ILE B 63 26.92 0.02 18.54
CA ILE B 63 25.92 -0.79 19.24
C ILE B 63 24.57 -0.42 18.71
N ILE B 64 23.84 -1.42 18.21
CA ILE B 64 22.48 -1.19 17.84
C ILE B 64 21.63 -1.73 18.98
N SER B 65 20.58 -0.99 19.36
CA SER B 65 19.68 -1.44 20.43
C SER B 65 18.20 -1.33 20.07
N LEU B 66 17.67 -2.44 19.53
CA LEU B 66 16.24 -2.65 19.32
C LEU B 66 15.41 -2.83 20.63
N THR B 67 14.21 -2.25 20.64
CA THR B 67 13.26 -2.38 21.75
C THR B 67 11.85 -2.30 21.17
N GLU B 68 10.92 -3.07 21.73
CA GLU B 68 9.52 -3.01 21.31
C GLU B 68 8.58 -2.88 22.51
N THR B 69 7.53 -2.08 22.37
CA THR B 69 6.63 -1.78 23.47
C THR B 69 5.19 -1.69 23.03
N VAL B 70 4.34 -2.40 23.74
CA VAL B 70 2.95 -2.56 23.37
C VAL B 70 1.97 -2.23 24.52
N CYS B 71 0.78 -1.77 24.15
CA CYS B 71 -0.34 -1.51 25.09
C CYS B 71 -1.69 -1.50 24.37
N ALA B 72 -2.73 -1.84 25.14
CA ALA B 72 -4.07 -2.06 24.60
C ALA B 72 -5.03 -0.89 24.87
N THR B 73 -4.53 0.34 24.89
CA THR B 73 -5.42 1.50 24.99
C THR B 73 -5.33 2.50 23.82
N ASN B 74 -6.26 3.45 23.81
CA ASN B 74 -6.41 4.35 22.67
C ASN B 74 -5.29 5.33 22.44
N LEU B 75 -4.51 5.05 21.39
CA LEU B 75 -3.35 5.85 20.92
C LEU B 75 -2.30 5.97 22.00
N CYS B 76 -1.93 4.81 22.53
CA CYS B 76 -0.99 4.75 23.63
C CYS B 76 0.45 4.78 23.14
N ASN B 77 0.66 4.70 21.82
CA ASN B 77 1.92 5.09 21.20
C ASN B 77 1.76 6.55 20.80
N ARG B 78 2.80 7.39 20.91
CA ARG B 78 2.55 8.82 20.60
C ARG B 78 3.67 9.70 19.98
N PRO B 79 4.14 10.76 20.67
CA PRO B 79 5.10 11.62 19.97
C PRO B 79 6.58 11.26 20.24
N ARG B 80 6.95 11.36 21.53
CA ARG B 80 8.27 11.03 22.06
C ARG B 80 8.49 9.50 21.93
N PRO B 81 9.74 8.99 22.13
CA PRO B 81 10.03 7.55 21.85
C PRO B 81 9.36 6.54 22.82
N TYR B 93 22.91 -5.59 34.79
CA TYR B 93 23.99 -5.95 33.87
C TYR B 93 24.49 -7.37 34.03
N LEU B 94 24.81 -8.00 32.91
CA LEU B 94 25.27 -9.39 32.85
C LEU B 94 25.93 -9.60 31.50
N GLU B 95 27.13 -10.15 31.45
CA GLU B 95 27.86 -10.26 30.19
C GLU B 95 27.55 -11.45 29.27
N CYS B 96 27.43 -11.13 27.98
CA CYS B 96 27.16 -12.09 26.89
C CYS B 96 27.98 -11.71 25.67
N ALA B 97 28.42 -12.73 24.93
CA ALA B 97 29.20 -12.53 23.71
C ALA B 97 28.40 -11.81 22.62
N SER B 98 29.04 -10.96 21.83
CA SER B 98 28.33 -10.30 20.72
C SER B 98 29.08 -10.29 19.40
N CYS B 99 28.37 -9.98 18.33
CA CYS B 99 28.91 -10.12 17.00
C CYS B 99 27.72 -10.35 16.12
N THR B 100 27.89 -10.13 14.83
CA THR B 100 26.88 -10.46 13.84
C THR B 100 27.49 -11.33 12.78
N SER B 101 26.67 -12.09 12.07
CA SER B 101 27.14 -12.79 10.87
C SER B 101 27.63 -11.76 9.85
N LEU B 102 26.87 -10.67 9.67
CA LEU B 102 27.21 -9.60 8.74
C LEU B 102 28.68 -9.09 8.66
N ASP B 103 29.31 -8.84 9.79
CA ASP B 103 30.70 -8.36 9.79
C ASP B 103 31.73 -9.47 9.92
N GLN B 104 31.30 -10.71 9.65
CA GLN B 104 32.16 -11.91 9.75
C GLN B 104 32.85 -12.05 11.14
N SER B 105 32.11 -11.77 12.20
CA SER B 105 32.69 -11.82 13.54
C SER B 105 32.18 -12.97 14.40
N CYS B 106 30.94 -13.40 14.18
CA CYS B 106 30.40 -14.57 14.90
C CYS B 106 31.00 -15.89 14.38
N GLU B 107 31.59 -15.84 13.19
CA GLU B 107 32.13 -17.05 12.53
C GLU B 107 33.56 -17.35 12.93
N ARG B 108 34.32 -16.29 13.22
CA ARG B 108 35.69 -16.46 13.68
C ARG B 108 35.75 -16.71 15.19
N GLY B 109 36.64 -17.63 15.62
CA GLY B 109 36.91 -17.89 17.03
C GLY B 109 37.41 -16.66 17.78
N ARG B 110 36.61 -15.58 17.67
CA ARG B 110 36.76 -14.29 18.39
C ARG B 110 35.52 -13.44 18.08
N GLU B 111 35.06 -12.60 19.03
CA GLU B 111 33.78 -11.85 18.93
C GLU B 111 33.57 -10.85 20.08
N GLN B 112 33.82 -9.57 19.85
CA GLN B 112 33.68 -8.58 20.96
C GLN B 112 32.38 -8.75 21.77
N SER B 113 32.46 -8.63 23.10
CA SER B 113 31.33 -8.88 23.99
C SER B 113 30.78 -7.64 24.66
N LEU B 114 29.73 -7.84 25.45
CA LEU B 114 28.81 -6.78 25.85
C LEU B 114 28.13 -7.21 27.12
N GLN B 115 27.46 -6.26 27.77
CA GLN B 115 26.86 -6.50 29.05
C GLN B 115 25.50 -5.82 29.15
N CYS B 116 24.46 -6.61 29.38
CA CYS B 116 23.09 -6.09 29.36
C CYS B 116 22.91 -4.90 30.27
N ARG B 117 22.10 -3.92 29.87
CA ARG B 117 21.86 -2.78 30.77
C ARG B 117 20.48 -2.73 31.46
N TYR B 118 19.75 -3.84 31.40
CA TYR B 118 18.56 -4.00 32.21
C TYR B 118 18.67 -5.32 32.93
N PRO B 119 18.48 -5.32 34.26
CA PRO B 119 18.02 -6.56 34.87
C PRO B 119 16.70 -6.99 34.20
N THR B 120 16.52 -8.31 34.02
CA THR B 120 15.45 -8.99 33.22
C THR B 120 15.88 -9.37 31.81
N GLU B 121 16.93 -8.69 31.33
CA GLU B 121 17.57 -9.01 30.04
C GLU B 121 18.16 -10.40 30.09
N HIS B 122 18.59 -10.92 28.95
CA HIS B 122 19.19 -12.24 28.95
C HIS B 122 20.44 -12.26 28.13
N CYS B 123 20.91 -13.45 27.79
CA CYS B 123 21.91 -13.59 26.76
C CYS B 123 21.21 -14.30 25.64
N ILE B 124 21.49 -13.93 24.38
CA ILE B 124 20.83 -14.61 23.26
C ILE B 124 21.66 -14.85 22.00
N GLU B 125 21.37 -16.00 21.38
CA GLU B 125 21.77 -16.30 20.01
C GLU B 125 20.52 -16.43 19.15
N VAL B 126 20.51 -15.76 18.01
CA VAL B 126 19.41 -15.91 17.06
C VAL B 126 19.92 -16.31 15.67
N VAL B 127 19.40 -17.42 15.16
CA VAL B 127 19.84 -17.89 13.87
C VAL B 127 18.73 -17.88 12.82
N THR B 128 19.04 -17.34 11.64
CA THR B 128 18.15 -17.38 10.46
C THR B 128 18.90 -17.81 9.19
N LEU B 129 18.65 -19.04 8.75
CA LEU B 129 19.30 -19.56 7.55
C LEU B 129 18.28 -19.80 6.46
N GLN B 130 18.52 -19.16 5.31
CA GLN B 130 17.59 -19.14 4.16
C GLN B 130 18.31 -19.41 2.82
N SER B 131 17.61 -20.04 1.87
CA SER B 131 18.21 -20.35 0.57
C SER B 131 17.89 -19.38 -0.60
N THR B 132 18.51 -19.65 -1.75
CA THR B 132 18.35 -18.88 -3.01
C THR B 132 18.18 -17.34 -2.82
N GLU B 133 17.07 -16.75 -3.28
CA GLU B 133 16.89 -15.28 -3.18
C GLU B 133 16.08 -14.85 -1.98
N ARG B 134 16.17 -15.64 -0.90
CA ARG B 134 15.68 -15.33 0.47
C ARG B 134 14.74 -14.13 0.73
N SER B 135 13.55 -14.44 1.24
CA SER B 135 12.51 -13.44 1.55
C SER B 135 12.83 -12.45 2.66
N LEU B 136 13.80 -12.77 3.52
CA LEU B 136 14.08 -11.98 4.73
C LEU B 136 15.46 -11.33 4.76
N LYS B 137 15.51 -10.08 5.23
CA LYS B 137 16.76 -9.35 5.28
C LYS B 137 17.40 -9.38 6.67
N ASP B 138 17.50 -10.59 7.23
CA ASP B 138 17.95 -10.82 8.62
C ASP B 138 19.32 -11.52 8.70
N GLU B 139 20.20 -11.03 9.56
CA GLU B 139 21.50 -11.67 9.74
C GLU B 139 21.37 -13.18 9.93
N ASP B 140 22.40 -13.92 9.55
CA ASP B 140 22.32 -15.35 9.74
C ASP B 140 22.51 -15.65 11.20
N TYR B 141 23.57 -15.12 11.79
CA TYR B 141 23.81 -15.37 13.18
C TYR B 141 23.92 -14.05 13.86
N THR B 142 23.32 -13.97 15.04
CA THR B 142 23.39 -12.78 15.89
C THR B 142 23.47 -13.21 17.33
N ARG B 143 24.39 -12.62 18.07
CA ARG B 143 24.53 -12.84 19.50
C ARG B 143 24.46 -11.51 20.22
N GLY B 144 23.65 -11.42 21.28
CA GLY B 144 23.47 -10.15 21.98
C GLY B 144 22.76 -10.29 23.30
N CYS B 145 22.39 -9.15 23.89
CA CYS B 145 21.62 -9.12 25.13
C CYS B 145 20.16 -8.80 24.85
N GLY B 146 19.26 -9.40 25.63
CA GLY B 146 17.84 -9.00 25.61
C GLY B 146 16.77 -10.05 25.85
N SER B 147 15.51 -9.64 25.84
CA SER B 147 14.38 -10.55 26.09
C SER B 147 13.43 -10.69 24.92
N LEU B 148 13.10 -11.92 24.56
CA LEU B 148 12.15 -12.19 23.48
C LEU B 148 11.12 -13.22 23.93
N PRO B 149 10.13 -13.51 23.06
CA PRO B 149 9.08 -14.44 23.44
C PRO B 149 9.67 -15.74 23.93
N GLY B 150 9.12 -16.22 25.04
CA GLY B 150 9.53 -17.46 25.68
C GLY B 150 11.02 -17.46 25.87
N CYS B 151 11.50 -16.60 26.76
CA CYS B 151 12.94 -16.43 26.82
C CYS B 151 13.68 -17.58 27.54
N PRO B 152 13.92 -17.47 28.86
CA PRO B 152 14.84 -18.50 29.39
C PRO B 152 14.47 -19.82 28.75
N GLY B 153 15.35 -20.34 27.91
CA GLY B 153 15.06 -21.52 27.11
C GLY B 153 15.37 -21.28 25.65
N THR B 154 14.56 -21.86 24.76
CA THR B 154 14.89 -21.98 23.33
C THR B 154 13.67 -22.11 22.41
N ALA B 155 13.79 -21.60 21.20
CA ALA B 155 12.81 -21.89 20.14
C ALA B 155 13.48 -22.18 18.79
N GLY B 156 12.77 -22.83 17.88
CA GLY B 156 13.34 -23.19 16.60
C GLY B 156 12.51 -24.09 15.72
N PHE B 157 12.81 -24.03 14.44
CA PHE B 157 12.08 -24.76 13.45
C PHE B 157 12.90 -24.80 12.20
N HIS B 158 12.94 -25.97 11.57
CA HIS B 158 13.64 -26.09 10.32
C HIS B 158 12.74 -26.63 9.22
N SER B 159 13.07 -26.20 8.01
CA SER B 159 12.42 -26.62 6.78
C SER B 159 13.50 -27.11 5.83
N ASN B 160 13.09 -27.66 4.69
CA ASN B 160 14.02 -28.05 3.65
C ASN B 160 14.96 -26.90 3.28
N GLN B 161 14.41 -25.69 3.13
CA GLN B 161 15.19 -24.52 2.68
C GLN B 161 15.39 -23.47 3.76
N THR B 162 14.95 -23.76 4.98
CA THR B 162 14.97 -22.72 5.99
C THR B 162 15.22 -23.25 7.40
N PHE B 163 15.91 -22.46 8.19
CA PHE B 163 16.15 -22.83 9.57
C PHE B 163 16.27 -21.64 10.51
N HIS B 164 15.34 -21.58 11.45
CA HIS B 164 15.36 -20.55 12.46
C HIS B 164 15.61 -21.20 13.79
N PHE B 165 16.14 -20.40 14.71
CA PHE B 165 16.39 -20.85 16.03
C PHE B 165 16.80 -19.68 16.91
N LEU B 166 16.23 -19.66 18.10
CA LEU B 166 16.56 -18.71 19.14
C LEU B 166 17.11 -19.51 20.29
N LYS B 167 17.98 -18.91 21.08
CA LYS B 167 18.42 -19.46 22.36
C LYS B 167 18.62 -18.30 23.33
N CYS B 168 18.14 -18.48 24.55
CA CYS B 168 18.09 -17.38 25.51
C CYS B 168 18.43 -17.89 26.92
N CYS B 169 19.49 -17.36 27.54
CA CYS B 169 19.89 -17.79 28.91
C CYS B 169 20.36 -16.71 29.92
N ASN B 170 20.10 -17.00 31.20
CA ASN B 170 20.39 -16.09 32.30
C ASN B 170 21.74 -16.38 32.97
N TYR B 171 22.76 -16.68 32.17
CA TYR B 171 24.08 -16.95 32.75
C TYR B 171 25.27 -16.44 31.96
N THR B 172 26.29 -16.01 32.69
CA THR B 172 27.42 -15.30 32.12
C THR B 172 28.03 -16.01 30.90
N HIS B 173 28.18 -15.22 29.83
CA HIS B 173 28.67 -15.66 28.52
C HIS B 173 28.04 -16.93 28.03
N CYS B 174 26.81 -17.20 28.45
CA CYS B 174 26.18 -18.50 28.19
C CYS B 174 26.08 -18.90 26.73
N ASN B 175 26.50 -17.98 25.84
CA ASN B 175 26.35 -18.12 24.40
C ASN B 175 27.64 -17.93 23.57
N GLY B 176 28.79 -18.26 24.12
CA GLY B 176 30.02 -18.14 23.35
C GLY B 176 30.19 -19.36 22.47
N GLY B 177 31.44 -19.82 22.35
CA GLY B 177 31.79 -21.07 21.65
C GLY B 177 31.19 -21.29 20.25
N PRO B 178 31.15 -22.57 19.81
CA PRO B 178 30.66 -22.96 18.49
C PRO B 178 29.40 -22.22 18.13
N VAL B 179 29.23 -21.94 16.85
CA VAL B 179 27.99 -21.39 16.36
C VAL B 179 27.02 -22.59 16.20
N LEU B 180 25.93 -22.44 15.44
CA LEU B 180 24.97 -23.54 15.25
C LEU B 180 24.54 -23.75 13.81
N ASP B 181 25.09 -24.78 13.18
CA ASP B 181 24.71 -25.12 11.82
C ASP B 181 23.62 -26.20 11.80
N LEU B 182 23.40 -26.78 10.62
CA LEU B 182 22.51 -27.94 10.49
C LEU B 182 23.14 -29.18 11.14
N GLN B 183 24.34 -29.55 10.68
CA GLN B 183 24.99 -30.82 11.01
C GLN B 183 25.25 -31.02 12.50
N SER B 184 25.22 -29.92 13.24
CA SER B 184 25.36 -29.97 14.69
C SER B 184 24.12 -30.56 15.37
N PHE B 185 23.13 -31.01 14.59
CA PHE B 185 21.92 -31.58 15.16
C PHE B 185 21.70 -33.03 14.81
N PRO B 186 21.33 -33.84 15.82
CA PRO B 186 21.16 -35.29 15.69
C PRO B 186 19.87 -35.64 14.96
N PRO B 187 19.98 -36.09 13.69
CA PRO B 187 18.76 -36.48 12.97
C PRO B 187 17.96 -37.38 13.91
N ASN B 188 17.03 -36.77 14.64
CA ASN B 188 16.31 -37.45 15.71
C ASN B 188 15.57 -38.71 15.25
N GLY B 189 15.22 -38.77 13.97
CA GLY B 189 14.60 -39.96 13.36
C GLY B 189 13.16 -39.70 12.93
N PHE B 190 12.54 -38.73 13.58
CA PHE B 190 11.16 -38.34 13.28
C PHE B 190 11.15 -37.46 12.04
N GLN B 191 10.00 -37.37 11.39
CA GLN B 191 9.92 -36.67 10.12
C GLN B 191 8.85 -35.57 10.10
N CYS B 192 8.95 -34.68 9.12
CA CYS B 192 7.88 -33.71 8.82
C CYS B 192 7.72 -33.46 7.30
N TYR B 193 6.96 -32.43 6.93
CA TYR B 193 6.82 -32.01 5.54
C TYR B 193 7.33 -30.57 5.34
N SER B 194 7.75 -30.27 4.11
CA SER B 194 8.22 -28.92 3.75
C SER B 194 7.49 -28.43 2.49
N CYS B 195 6.75 -27.34 2.60
CA CYS B 195 5.95 -26.85 1.48
C CYS B 195 5.96 -25.33 1.30
N GLU B 196 6.30 -24.89 0.08
CA GLU B 196 6.24 -23.47 -0.36
C GLU B 196 6.16 -23.27 -1.91
N GLY B 197 4.93 -23.34 -2.42
CA GLY B 197 4.60 -23.05 -3.83
C GLY B 197 3.72 -21.81 -3.93
N ASN B 198 2.40 -21.97 -3.82
CA ASN B 198 1.41 -20.85 -3.73
C ASN B 198 0.14 -21.07 -2.87
N ASN B 199 -0.82 -21.82 -3.41
CA ASN B 199 -2.07 -22.19 -2.73
C ASN B 199 -2.55 -23.61 -3.06
N THR B 200 -2.40 -24.54 -2.10
CA THR B 200 -2.90 -25.95 -2.18
C THR B 200 -2.23 -26.89 -3.24
N LEU B 201 -2.01 -26.39 -4.47
CA LEU B 201 -1.40 -27.17 -5.56
C LEU B 201 -0.02 -26.67 -6.06
N GLY B 202 0.67 -25.90 -5.22
CA GLY B 202 2.10 -25.59 -5.43
C GLY B 202 2.89 -26.73 -4.83
N CYS B 203 2.34 -27.27 -3.75
CA CYS B 203 2.85 -28.43 -3.07
C CYS B 203 1.69 -29.38 -2.80
N SER B 204 1.99 -30.67 -2.66
CA SER B 204 0.99 -31.68 -2.31
C SER B 204 1.71 -32.91 -1.81
N SER B 205 1.10 -34.09 -2.00
CA SER B 205 1.77 -35.38 -1.89
C SER B 205 2.70 -35.56 -3.11
N GLU B 206 2.80 -34.50 -3.92
CA GLU B 206 3.53 -34.52 -5.18
C GLU B 206 4.70 -33.51 -5.26
N GLU B 207 4.46 -32.25 -4.90
CA GLU B 207 5.54 -31.25 -4.91
C GLU B 207 5.84 -30.69 -3.51
N ALA B 208 5.88 -31.61 -2.55
CA ALA B 208 6.40 -31.40 -1.20
C ALA B 208 6.76 -32.79 -0.65
N SER B 209 7.94 -32.91 -0.01
CA SER B 209 8.42 -34.20 0.48
C SER B 209 8.67 -34.23 2.00
N LEU B 210 8.92 -35.43 2.52
CA LEU B 210 9.21 -35.63 3.93
C LEU B 210 10.62 -35.19 4.28
N ILE B 211 10.74 -34.26 5.21
CA ILE B 211 12.04 -33.88 5.73
C ILE B 211 12.41 -34.87 6.80
N ASN B 212 13.70 -35.03 7.05
CA ASN B 212 14.12 -35.82 8.18
C ASN B 212 14.40 -34.86 9.31
N CYS B 213 13.54 -34.90 10.32
CA CYS B 213 13.57 -33.92 11.41
C CYS B 213 14.89 -34.02 12.16
N ARG B 214 15.39 -32.87 12.63
CA ARG B 214 16.70 -32.83 13.27
C ARG B 214 16.70 -32.44 14.75
N GLY B 215 16.96 -33.43 15.60
CA GLY B 215 17.18 -33.20 17.03
C GLY B 215 16.02 -32.55 17.75
N PRO B 216 16.27 -31.40 18.38
CA PRO B 216 15.26 -30.74 19.20
C PRO B 216 13.93 -30.51 18.49
N MET B 217 13.94 -30.42 17.15
CA MET B 217 12.71 -30.32 16.38
C MET B 217 12.00 -31.67 16.36
N ASN B 218 10.75 -31.69 16.81
CA ASN B 218 9.96 -32.91 16.82
C ASN B 218 8.46 -32.66 16.63
N GLN B 219 8.09 -31.39 16.51
CA GLN B 219 6.70 -30.99 16.28
C GLN B 219 6.47 -30.73 14.80
N CYS B 220 5.54 -31.47 14.22
CA CYS B 220 5.12 -31.21 12.86
C CYS B 220 4.12 -30.08 12.85
N LEU B 221 4.34 -29.13 11.93
CA LEU B 221 3.71 -27.82 11.97
C LEU B 221 3.28 -27.30 10.58
N VAL B 222 2.20 -26.52 10.55
CA VAL B 222 1.67 -25.80 9.37
C VAL B 222 1.48 -24.31 9.67
N ALA B 223 1.42 -23.48 8.62
CA ALA B 223 1.29 -22.03 8.77
C ALA B 223 0.57 -21.42 7.57
N THR B 224 -0.09 -20.28 7.78
CA THR B 224 -0.88 -19.66 6.71
C THR B 224 -1.17 -18.16 6.94
N GLY B 225 -1.79 -17.50 5.95
CA GLY B 225 -2.14 -16.08 6.06
C GLY B 225 -2.56 -15.48 4.71
N LEU B 226 -3.51 -14.54 4.75
CA LEU B 226 -3.96 -13.78 3.57
C LEU B 226 -3.45 -12.35 3.64
N ARG B 232 -0.44 -13.75 -2.22
CA ARG B 232 -1.57 -13.30 -1.41
C ARG B 232 -1.77 -14.19 -0.17
N SER B 233 -1.95 -15.49 -0.41
CA SER B 233 -2.07 -16.47 0.67
C SER B 233 -0.87 -17.39 0.69
N TYR B 234 0.08 -17.08 1.57
CA TYR B 234 1.29 -17.88 1.70
C TYR B 234 1.17 -18.89 2.83
N THR B 235 1.83 -20.04 2.64
CA THR B 235 1.71 -21.21 3.53
C THR B 235 3.00 -22.04 3.63
N VAL B 236 3.27 -22.59 4.81
CA VAL B 236 4.53 -23.29 5.11
C VAL B 236 4.40 -24.36 6.19
N ARG B 237 5.00 -25.53 5.93
CA ARG B 237 4.96 -26.61 6.90
C ARG B 237 6.32 -27.21 7.25
N GLY B 238 6.38 -27.85 8.41
CA GLY B 238 7.60 -28.48 8.86
C GLY B 238 7.74 -28.70 10.34
N CYS B 239 9.00 -28.77 10.76
CA CYS B 239 9.44 -29.38 11.99
C CYS B 239 9.89 -28.32 12.97
N ALA B 240 9.31 -28.32 14.17
CA ALA B 240 9.46 -27.20 15.09
C ALA B 240 9.50 -27.63 16.54
N THR B 241 9.69 -26.65 17.43
CA THR B 241 9.61 -26.93 18.86
C THR B 241 8.16 -26.89 19.39
N ALA B 242 8.02 -26.66 20.69
CA ALA B 242 6.73 -26.34 21.30
C ALA B 242 6.74 -24.89 21.79
N SER B 243 7.93 -24.31 21.86
CA SER B 243 8.03 -22.91 22.21
C SER B 243 7.88 -22.06 20.97
N TRP B 244 8.30 -22.63 19.83
CA TRP B 244 8.29 -21.92 18.54
C TRP B 244 6.88 -21.87 18.13
N CYS B 245 6.29 -23.05 18.18
CA CYS B 245 4.93 -23.26 17.82
C CYS B 245 4.02 -22.44 18.72
N GLN B 246 4.60 -21.84 19.74
CA GLN B 246 3.84 -21.03 20.66
C GLN B 246 4.37 -19.61 20.70
N GLY B 247 3.47 -18.66 20.92
CA GLY B 247 3.82 -17.26 21.04
C GLY B 247 4.06 -16.56 19.71
N SER B 248 4.76 -15.44 19.81
CA SER B 248 4.93 -14.52 18.70
C SER B 248 5.72 -15.05 17.50
N HIS B 249 6.59 -16.02 17.75
CA HIS B 249 7.60 -16.51 16.77
C HIS B 249 7.08 -16.78 15.39
N VAL B 250 6.78 -18.03 15.12
CA VAL B 250 6.08 -18.43 13.91
C VAL B 250 5.52 -17.24 13.11
N ALA B 251 4.67 -16.43 13.74
CA ALA B 251 4.07 -15.27 13.08
C ALA B 251 5.09 -14.49 12.28
N ASP B 252 6.12 -13.99 12.94
CA ASP B 252 7.13 -13.21 12.28
C ASP B 252 8.06 -14.07 11.43
N SER B 253 7.89 -15.39 11.49
CA SER B 253 8.73 -16.29 10.73
C SER B 253 8.71 -15.91 9.24
N PHE B 254 7.77 -15.05 8.87
CA PHE B 254 7.64 -14.57 7.48
C PHE B 254 7.12 -13.12 7.39
N PRO B 255 7.51 -12.35 6.34
CA PRO B 255 7.18 -10.90 6.18
C PRO B 255 6.04 -10.36 7.07
N THR B 256 4.79 -10.39 6.58
CA THR B 256 3.60 -10.09 7.40
C THR B 256 2.48 -11.06 7.05
N HIS B 257 1.49 -11.19 7.94
CA HIS B 257 0.19 -11.78 7.60
C HIS B 257 -0.87 -11.81 8.70
N LEU B 258 -1.91 -12.62 8.45
CA LEU B 258 -3.22 -12.60 9.13
C LEU B 258 -3.19 -12.85 10.65
N ASN B 259 -4.10 -13.72 11.10
CA ASN B 259 -4.01 -14.30 12.44
C ASN B 259 -3.05 -15.49 12.33
N VAL B 260 -2.50 -15.65 11.11
CA VAL B 260 -1.61 -16.73 10.72
C VAL B 260 -1.89 -18.08 11.39
N SER B 261 -3.10 -18.60 11.22
CA SER B 261 -3.44 -19.89 11.77
C SER B 261 -2.25 -20.82 11.64
N VAL B 262 -1.96 -21.50 12.74
CA VAL B 262 -0.76 -22.30 12.89
C VAL B 262 -1.12 -23.60 13.64
N SER B 263 -0.51 -24.73 13.26
CA SER B 263 -0.82 -26.00 13.95
C SER B 263 0.32 -26.97 14.28
N CYS B 264 0.19 -27.63 15.44
CA CYS B 264 1.20 -28.56 15.95
C CYS B 264 0.64 -29.89 16.42
N CYS B 265 1.40 -30.97 16.17
CA CYS B 265 1.11 -32.23 16.82
C CYS B 265 2.28 -33.23 16.77
N HIS B 266 2.19 -34.29 17.57
CA HIS B 266 3.13 -35.42 17.48
C HIS B 266 2.80 -36.36 16.31
N GLY B 267 3.84 -36.98 15.76
CA GLY B 267 3.72 -37.89 14.62
C GLY B 267 4.63 -37.47 13.49
N SER B 268 5.04 -38.44 12.69
CA SER B 268 5.83 -38.17 11.50
C SER B 268 5.00 -37.36 10.48
N GLY B 269 3.92 -37.97 9.99
CA GLY B 269 3.05 -37.32 9.02
C GLY B 269 2.03 -36.39 9.63
N CYS B 270 2.28 -35.97 10.87
CA CYS B 270 1.44 -35.04 11.61
C CYS B 270 0.98 -33.86 10.76
N ASN B 271 1.91 -33.30 9.96
CA ASN B 271 1.68 -32.06 9.20
C ASN B 271 1.47 -32.21 7.68
N SER B 272 1.35 -33.46 7.22
CA SER B 272 0.91 -33.72 5.85
C SER B 272 -0.41 -33.01 5.64
N PRO B 273 -0.69 -32.53 4.42
CA PRO B 273 -1.93 -31.82 4.07
C PRO B 273 -3.20 -32.34 4.78
N THR B 274 -3.24 -32.15 6.11
CA THR B 274 -4.24 -32.71 7.04
C THR B 274 -4.49 -34.23 6.85
N ASP C 8 -5.21 19.36 -6.19
CA ASP C 8 -4.36 18.95 -7.35
C ASP C 8 -5.09 19.07 -8.72
N GLU C 9 -5.55 17.93 -9.27
CA GLU C 9 -6.10 17.87 -10.65
C GLU C 9 -7.21 16.82 -10.83
N SER C 10 -8.37 17.11 -10.26
CA SER C 10 -9.53 16.20 -10.24
C SER C 10 -10.84 16.91 -10.61
N ASN C 11 -11.36 17.71 -9.67
CA ASN C 11 -12.65 18.43 -9.77
C ASN C 11 -13.76 17.70 -8.99
N CYS C 12 -14.26 16.60 -9.58
CA CYS C 12 -15.28 15.74 -8.95
C CYS C 12 -14.97 15.59 -7.50
N GLY C 13 -15.96 15.86 -6.66
CA GLY C 13 -15.83 15.78 -5.20
C GLY C 13 -14.43 15.91 -4.60
N CYS C 14 -13.66 14.82 -4.70
CA CYS C 14 -12.25 14.74 -4.31
C CYS C 14 -11.74 15.99 -3.66
N GLN C 15 -11.30 15.87 -2.40
CA GLN C 15 -10.87 17.04 -1.61
C GLN C 15 -9.42 16.99 -1.14
N ASN C 16 -8.97 18.12 -0.60
CA ASN C 16 -7.61 18.29 -0.13
C ASN C 16 -6.59 17.95 -1.21
N GLY C 17 -5.79 16.88 -1.04
CA GLY C 17 -4.84 16.48 -2.09
C GLY C 17 -5.63 15.78 -3.18
N GLY C 18 -5.26 14.56 -3.51
CA GLY C 18 -6.19 13.62 -4.12
C GLY C 18 -6.83 13.90 -5.47
N VAL C 19 -6.70 12.96 -6.38
CA VAL C 19 -7.22 13.18 -7.70
C VAL C 19 -8.16 12.08 -8.17
N CYS C 20 -9.13 12.52 -8.95
CA CYS C 20 -10.19 11.70 -9.48
C CYS C 20 -9.63 10.69 -10.45
N VAL C 21 -10.30 9.55 -10.52
CA VAL C 21 -9.95 8.48 -11.45
C VAL C 21 -11.18 7.60 -11.73
N SER C 22 -11.74 7.74 -12.94
CA SER C 22 -12.94 7.00 -13.35
C SER C 22 -12.56 5.66 -14.01
N TYR C 23 -13.52 4.82 -14.33
CA TYR C 23 -13.20 3.54 -14.94
C TYR C 23 -14.13 3.20 -16.10
N LYS C 24 -13.72 3.70 -17.25
CA LYS C 24 -14.19 3.29 -18.59
C LYS C 24 -15.14 2.07 -18.62
N TYR C 25 -14.65 0.90 -18.25
CA TYR C 25 -15.46 -0.34 -18.37
C TYR C 25 -16.54 -0.64 -17.28
N PHE C 26 -16.75 0.32 -16.39
CA PHE C 26 -17.48 0.10 -15.17
C PHE C 26 -18.38 1.29 -14.93
N SER C 27 -19.25 1.54 -15.89
CA SER C 27 -20.11 2.72 -15.85
C SER C 27 -19.40 3.99 -15.34
N ARG C 28 -18.27 4.31 -15.98
CA ARG C 28 -17.42 5.48 -15.66
C ARG C 28 -17.46 5.83 -14.16
N ILE C 29 -16.97 4.91 -13.32
CA ILE C 29 -17.04 5.05 -11.86
C ILE C 29 -15.81 5.74 -11.19
N ARG C 30 -16.03 6.91 -10.62
CA ARG C 30 -14.93 7.72 -10.10
C ARG C 30 -14.37 7.15 -8.82
N ARG C 31 -13.15 7.55 -8.52
CA ARG C 31 -12.45 7.16 -7.30
C ARG C 31 -11.60 8.32 -6.87
N CYS C 32 -10.77 8.14 -5.84
CA CYS C 32 -10.09 9.28 -5.29
C CYS C 32 -8.78 9.02 -4.53
N SER C 33 -7.72 8.70 -5.27
CA SER C 33 -6.40 8.48 -4.67
C SER C 33 -5.97 9.69 -3.86
N CYS C 34 -6.01 9.55 -2.53
CA CYS C 34 -5.77 10.65 -1.64
C CYS C 34 -4.31 10.71 -1.28
N PRO C 35 -3.85 11.87 -0.81
CA PRO C 35 -2.56 11.92 -0.20
C PRO C 35 -2.65 11.18 1.11
N ARG C 36 -1.55 11.04 1.82
CA ARG C 36 -1.53 10.26 3.07
C ARG C 36 -2.43 10.71 4.24
N LYS C 37 -2.43 12.00 4.57
CA LYS C 37 -3.14 12.47 5.77
C LYS C 37 -4.64 12.46 5.61
N PHE C 38 -5.14 12.09 4.44
CA PHE C 38 -6.56 12.19 4.21
C PHE C 38 -7.05 10.92 3.60
N GLN C 39 -8.21 10.47 4.05
CA GLN C 39 -8.79 9.26 3.53
C GLN C 39 -10.24 9.53 3.22
N GLY C 40 -10.98 8.49 2.85
CA GLY C 40 -12.38 8.60 2.50
C GLY C 40 -12.63 8.66 1.01
N GLU C 41 -13.88 8.35 0.64
CA GLU C 41 -14.41 8.41 -0.73
C GLU C 41 -14.06 9.71 -1.46
N HIS C 42 -13.71 10.76 -0.69
CA HIS C 42 -13.42 12.07 -1.23
C HIS C 42 -12.23 12.71 -0.54
N CYS C 43 -11.45 11.91 0.19
CA CYS C 43 -10.39 12.46 1.03
C CYS C 43 -10.97 13.53 1.95
N GLU C 44 -12.08 13.20 2.57
CA GLU C 44 -12.76 14.15 3.43
C GLU C 44 -12.27 13.97 4.84
N ILE C 45 -11.63 12.83 5.10
CA ILE C 45 -11.24 12.46 6.43
C ILE C 45 -9.77 12.73 6.64
N ASP C 46 -9.45 13.55 7.63
CA ASP C 46 -8.07 13.87 8.03
C ASP C 46 -7.61 12.90 9.09
N ALA C 47 -6.83 11.93 8.69
CA ALA C 47 -6.45 10.91 9.61
C ALA C 47 -5.34 11.34 10.59
N SER C 48 -4.95 12.61 10.58
CA SER C 48 -3.84 13.01 11.44
C SER C 48 -4.31 13.81 12.64
N LYS C 49 -5.59 14.18 12.64
CA LYS C 49 -6.12 14.96 13.73
C LYS C 49 -6.36 14.14 15.01
N THR C 50 -6.19 14.81 16.14
CA THR C 50 -6.22 14.22 17.49
C THR C 50 -7.13 15.06 18.44
N CYS C 51 -6.88 16.36 18.56
CA CYS C 51 -7.78 17.30 19.27
C CYS C 51 -9.01 17.69 18.43
N TYR C 52 -9.94 18.45 19.01
CA TYR C 52 -11.00 19.11 18.24
C TYR C 52 -11.00 20.67 18.40
N HIS C 53 -10.73 21.37 17.29
CA HIS C 53 -10.53 22.84 17.23
C HIS C 53 -11.62 23.63 17.94
N GLY C 54 -11.31 24.12 19.14
CA GLY C 54 -12.23 24.96 19.93
C GLY C 54 -13.60 24.35 20.11
N ASN C 55 -14.48 24.64 19.16
CA ASN C 55 -15.74 23.93 19.06
C ASN C 55 -15.55 22.63 18.28
N GLY C 56 -16.64 22.00 17.89
CA GLY C 56 -16.55 20.78 17.09
C GLY C 56 -16.75 21.01 15.62
N ASP C 57 -17.36 22.16 15.30
CA ASP C 57 -17.84 22.50 13.94
C ASP C 57 -16.91 22.06 12.82
N SER C 58 -15.64 22.41 12.98
CA SER C 58 -14.63 22.16 11.97
C SER C 58 -14.18 20.74 12.04
N TYR C 59 -14.09 20.17 13.25
CA TYR C 59 -13.52 18.84 13.44
C TYR C 59 -13.98 17.89 12.32
N ARG C 60 -13.03 17.12 11.79
CA ARG C 60 -13.31 16.22 10.67
C ARG C 60 -12.52 14.90 10.79
N GLY C 61 -12.19 14.56 12.04
CA GLY C 61 -11.25 13.49 12.35
C GLY C 61 -11.78 12.07 12.31
N LYS C 62 -11.16 11.20 13.11
CA LYS C 62 -11.40 9.76 13.03
C LYS C 62 -11.91 9.08 14.32
N ALA C 63 -12.20 9.88 15.34
CA ALA C 63 -12.77 9.41 16.61
C ALA C 63 -13.99 8.54 16.39
N ASN C 64 -13.99 7.40 17.03
CA ASN C 64 -14.97 6.42 16.74
C ASN C 64 -16.07 6.29 17.80
N THR C 65 -15.78 6.59 19.06
CA THR C 65 -16.64 6.16 20.18
C THR C 65 -17.07 7.22 21.19
N ASP C 66 -18.18 6.98 21.88
CA ASP C 66 -18.78 7.97 22.77
C ASP C 66 -17.97 8.20 24.04
N THR C 67 -18.48 9.08 24.90
CA THR C 67 -17.78 9.50 26.12
C THR C 67 -17.38 8.28 26.86
N LYS C 68 -18.32 7.33 26.93
CA LYS C 68 -18.24 6.17 27.80
C LYS C 68 -18.12 4.86 27.03
N GLY C 69 -17.40 4.89 25.91
CA GLY C 69 -16.93 3.69 25.22
C GLY C 69 -17.79 3.01 24.17
N ARG C 70 -19.05 3.36 24.05
CA ARG C 70 -19.81 2.72 22.99
C ARG C 70 -19.38 3.20 21.59
N PRO C 71 -19.31 2.25 20.65
CA PRO C 71 -19.24 2.41 19.22
C PRO C 71 -20.32 3.34 18.74
N CYS C 72 -19.95 4.30 17.89
CA CYS C 72 -20.94 5.07 17.15
C CYS C 72 -21.46 4.24 15.97
N LEU C 73 -22.43 4.81 15.28
CA LEU C 73 -23.09 4.14 14.16
C LEU C 73 -22.85 4.88 12.83
N ALA C 74 -22.46 4.14 11.81
CA ALA C 74 -22.16 4.72 10.52
C ALA C 74 -23.30 5.64 10.16
N TRP C 75 -22.99 6.90 9.85
CA TRP C 75 -24.02 7.83 9.39
C TRP C 75 -24.73 7.32 8.15
N ASN C 76 -24.39 6.12 7.74
CA ASN C 76 -25.00 5.52 6.60
C ASN C 76 -25.70 4.22 6.96
N ALA C 77 -25.62 3.88 8.24
CA ALA C 77 -26.34 2.74 8.80
C ALA C 77 -27.84 3.00 8.81
N PRO C 78 -28.64 1.98 8.43
CA PRO C 78 -30.07 2.18 8.18
C PRO C 78 -30.78 2.87 9.35
N ALA C 79 -30.52 2.41 10.58
CA ALA C 79 -31.21 2.96 11.75
C ALA C 79 -30.80 4.42 11.99
N VAL C 80 -29.77 4.86 11.27
CA VAL C 80 -29.36 6.26 11.25
C VAL C 80 -30.00 7.00 10.08
N LEU C 81 -30.20 6.28 8.98
CA LEU C 81 -30.78 6.91 7.82
C LEU C 81 -32.06 7.67 8.15
N GLN C 82 -32.86 7.19 9.13
CA GLN C 82 -34.17 7.81 9.46
C GLN C 82 -34.13 9.00 10.41
N LYS C 83 -32.95 9.22 11.01
CA LYS C 83 -32.69 10.35 11.88
C LYS C 83 -32.46 11.59 11.03
N PRO C 84 -32.48 12.80 11.65
CA PRO C 84 -32.24 14.05 10.92
C PRO C 84 -30.93 14.16 10.10
N TYR C 85 -29.92 13.33 10.38
CA TYR C 85 -28.60 13.51 9.75
C TYR C 85 -27.97 12.23 9.23
N ASN C 86 -27.79 12.14 7.92
CA ASN C 86 -27.25 10.93 7.31
C ASN C 86 -26.13 11.20 6.34
N ALA C 87 -25.66 10.12 5.73
CA ALA C 87 -24.90 10.22 4.51
C ALA C 87 -25.87 10.60 3.40
N HIS C 88 -26.92 9.79 3.18
CA HIS C 88 -27.95 10.08 2.16
C HIS C 88 -28.66 11.42 2.39
N ARG C 89 -28.18 12.18 3.38
CA ARG C 89 -28.51 13.58 3.56
C ARG C 89 -28.07 14.40 2.35
N PRO C 90 -28.75 15.54 2.09
CA PRO C 90 -28.40 16.31 0.90
C PRO C 90 -27.02 16.91 1.06
N ASP C 91 -26.74 17.58 2.17
CA ASP C 91 -25.43 18.20 2.37
C ASP C 91 -24.30 17.16 2.45
N ALA C 92 -24.40 16.26 3.45
CA ALA C 92 -23.34 15.33 3.84
C ALA C 92 -21.98 15.99 3.66
N ILE C 93 -21.35 15.72 2.53
CA ILE C 93 -20.07 16.35 2.10
C ILE C 93 -19.63 17.64 2.81
N SER C 94 -20.41 18.71 2.72
CA SER C 94 -19.96 19.96 3.32
C SER C 94 -20.21 19.99 4.83
N LEU C 95 -21.05 19.07 5.33
CA LEU C 95 -20.99 18.70 6.75
C LEU C 95 -19.72 17.87 6.99
N GLY C 96 -19.87 16.60 7.36
CA GLY C 96 -18.73 15.72 7.44
C GLY C 96 -19.16 14.27 7.41
N LEU C 97 -20.43 14.05 7.16
CA LEU C 97 -20.99 12.74 7.37
C LEU C 97 -20.93 11.90 6.11
N GLY C 98 -20.29 10.74 6.21
CA GLY C 98 -20.10 9.87 5.05
C GLY C 98 -20.21 8.40 5.35
N LYS C 99 -19.57 7.55 4.55
CA LYS C 99 -19.58 6.10 4.77
C LYS C 99 -18.70 5.69 5.96
N HIS C 100 -18.87 6.33 7.11
CA HIS C 100 -17.98 6.07 8.20
C HIS C 100 -18.71 6.16 9.54
N ASN C 101 -18.00 6.04 10.66
CA ASN C 101 -18.61 6.31 11.97
C ASN C 101 -17.72 7.14 12.89
N TYR C 102 -17.33 8.30 12.39
CA TYR C 102 -16.58 9.26 13.17
C TYR C 102 -17.46 10.44 13.54
N CYS C 103 -17.40 10.82 14.79
CA CYS C 103 -18.26 11.86 15.29
C CYS C 103 -18.01 13.22 14.65
N ARG C 104 -19.08 14.00 14.59
CA ARG C 104 -19.07 15.31 14.02
C ARG C 104 -20.08 16.12 14.81
N ASN C 105 -19.85 17.43 14.87
CA ASN C 105 -20.74 18.42 15.47
C ASN C 105 -21.35 19.22 14.33
N PRO C 106 -22.18 18.57 13.49
CA PRO C 106 -22.73 19.26 12.31
C PRO C 106 -23.93 20.12 12.69
N ASP C 107 -24.54 19.74 13.82
CA ASP C 107 -25.89 20.13 14.22
C ASP C 107 -25.93 21.41 15.05
N ASN C 108 -24.94 22.26 14.85
CA ASN C 108 -24.87 23.56 15.50
C ASN C 108 -24.92 23.43 17.05
N GLN C 109 -24.14 22.47 17.55
CA GLN C 109 -24.23 22.03 18.93
C GLN C 109 -22.90 22.21 19.65
N LYS C 110 -22.89 21.83 20.93
CA LYS C 110 -21.79 22.11 21.84
C LYS C 110 -20.47 21.44 21.49
N ARG C 111 -20.52 20.21 21.00
CA ARG C 111 -19.32 19.44 20.65
C ARG C 111 -19.65 18.12 19.92
N PRO C 112 -18.74 17.63 19.07
CA PRO C 112 -19.13 16.49 18.22
C PRO C 112 -19.70 15.34 19.03
N TRP C 113 -20.52 14.55 18.36
CA TRP C 113 -21.38 13.62 19.00
C TRP C 113 -21.77 12.71 17.88
N CYS C 114 -22.34 11.57 18.23
CA CYS C 114 -22.72 10.61 17.21
C CYS C 114 -23.88 9.86 17.78
N TYR C 115 -24.60 9.17 16.91
CA TYR C 115 -25.67 8.31 17.33
C TYR C 115 -25.06 7.04 17.92
N VAL C 116 -25.61 6.64 19.07
CA VAL C 116 -25.11 5.48 19.81
C VAL C 116 -26.24 4.53 20.06
N GLN C 117 -25.92 3.24 20.09
CA GLN C 117 -26.93 2.18 20.14
C GLN C 117 -27.29 1.76 21.56
N ILE C 118 -28.00 2.61 22.31
CA ILE C 118 -28.28 2.25 23.72
C ILE C 118 -29.41 1.22 23.89
N GLY C 119 -29.04 -0.03 23.64
CA GLY C 119 -29.95 -1.17 23.73
C GLY C 119 -31.00 -1.31 22.65
N LEU C 120 -31.97 -0.40 22.63
CA LEU C 120 -33.13 -0.51 21.72
C LEU C 120 -33.57 0.78 21.03
N ARG C 121 -32.99 1.90 21.43
CA ARG C 121 -33.13 3.16 20.70
C ARG C 121 -31.76 3.75 20.35
N GLN C 122 -31.76 4.93 19.75
CA GLN C 122 -30.50 5.59 19.36
C GLN C 122 -30.46 7.01 19.85
N PHE C 123 -29.64 7.25 20.87
CA PHE C 123 -29.52 8.58 21.40
C PHE C 123 -28.27 9.23 20.85
N VAL C 124 -28.24 10.55 20.99
CA VAL C 124 -27.12 11.34 20.60
C VAL C 124 -26.13 11.37 21.75
N GLN C 125 -25.00 10.69 21.57
CA GLN C 125 -23.97 10.72 22.60
C GLN C 125 -22.79 11.62 22.22
N GLU C 126 -22.15 12.22 23.22
CA GLU C 126 -20.94 13.00 23.02
C GLU C 126 -19.77 12.10 22.82
N CYS C 127 -18.84 12.56 21.98
CA CYS C 127 -17.76 11.73 21.48
C CYS C 127 -16.49 11.77 22.31
N MET C 128 -15.69 10.72 22.21
CA MET C 128 -14.39 10.59 22.89
C MET C 128 -13.57 11.88 22.79
N VAL C 129 -12.77 12.02 21.71
CA VAL C 129 -11.80 13.12 21.52
C VAL C 129 -11.78 14.27 22.53
N HIS C 130 -10.66 14.38 23.22
CA HIS C 130 -10.44 15.45 24.17
C HIS C 130 -10.27 16.78 23.42
N ASP C 131 -10.17 17.87 24.15
CA ASP C 131 -9.99 19.17 23.56
C ASP C 131 -8.51 19.55 23.52
N CYS C 132 -8.26 20.83 23.26
CA CYS C 132 -6.94 21.45 23.36
C CYS C 132 -6.88 22.33 24.65
N LEU D 1 -38.81 -2.59 -17.76
CA LEU D 1 -38.03 -3.28 -16.69
C LEU D 1 -37.73 -2.31 -15.56
N GLN D 2 -37.72 -2.80 -14.33
CA GLN D 2 -37.42 -1.91 -13.24
C GLN D 2 -36.10 -2.22 -12.58
N CYS D 3 -35.16 -1.30 -12.67
CA CYS D 3 -33.88 -1.42 -11.99
C CYS D 3 -33.85 -0.47 -10.83
N MET D 4 -32.87 -0.62 -9.96
CA MET D 4 -32.81 0.21 -8.80
C MET D 4 -31.74 1.21 -9.01
N GLN D 5 -32.04 2.35 -9.58
CA GLN D 5 -30.95 3.31 -9.72
C GLN D 5 -30.65 3.95 -8.38
N CYS D 6 -29.36 4.00 -8.08
CA CYS D 6 -28.83 4.88 -7.04
C CYS D 6 -27.33 5.05 -7.30
N GLU D 7 -26.87 6.30 -7.24
CA GLU D 7 -25.46 6.63 -7.26
C GLU D 7 -24.96 6.32 -5.85
N SER D 8 -23.69 6.60 -5.54
CA SER D 8 -23.18 6.26 -4.24
C SER D 8 -23.68 7.24 -3.19
N ASN D 9 -23.82 6.70 -1.98
CA ASN D 9 -24.40 7.40 -0.83
C ASN D 9 -25.47 8.47 -1.14
N GLN D 10 -26.22 8.19 -2.19
CA GLN D 10 -27.58 8.67 -2.36
C GLN D 10 -28.40 7.40 -2.43
N SER D 11 -29.48 7.32 -1.67
CA SER D 11 -30.26 6.08 -1.60
C SER D 11 -30.84 5.62 -2.92
N CYS D 12 -31.08 4.33 -3.05
CA CYS D 12 -31.69 3.80 -4.24
C CYS D 12 -33.07 4.30 -4.52
N LEU D 13 -33.45 4.21 -5.79
CA LEU D 13 -34.77 4.57 -6.29
C LEU D 13 -35.08 3.55 -7.34
N VAL D 14 -36.36 3.32 -7.58
CA VAL D 14 -36.78 2.39 -8.62
C VAL D 14 -36.85 3.20 -9.88
N GLU D 15 -36.28 2.68 -10.96
CA GLU D 15 -36.20 3.41 -12.19
C GLU D 15 -36.76 2.49 -13.25
N GLU D 16 -37.69 2.99 -14.08
CA GLU D 16 -38.14 2.22 -15.24
C GLU D 16 -37.07 2.34 -16.31
N CYS D 17 -36.82 1.27 -17.06
CA CYS D 17 -35.77 1.34 -18.05
C CYS D 17 -36.32 1.57 -19.44
N ALA D 18 -35.66 2.48 -20.14
CA ALA D 18 -35.89 2.71 -21.56
C ALA D 18 -35.92 1.43 -22.40
N LEU D 19 -36.77 1.40 -23.42
CA LEU D 19 -36.65 0.39 -24.47
C LEU D 19 -35.20 0.40 -24.96
N GLY D 20 -34.62 -0.78 -25.18
CA GLY D 20 -33.22 -0.86 -25.63
C GLY D 20 -32.29 -1.23 -24.49
N GLN D 21 -32.29 -0.44 -23.42
CA GLN D 21 -31.80 -0.93 -22.13
C GLN D 21 -32.71 -2.09 -21.69
N ASP D 22 -32.21 -2.95 -20.81
CA ASP D 22 -32.99 -4.04 -20.24
C ASP D 22 -32.11 -5.07 -19.54
N LEU D 23 -31.06 -4.58 -18.89
CA LEU D 23 -30.43 -5.35 -17.85
C LEU D 23 -30.40 -4.49 -16.62
N CYS D 24 -30.20 -5.10 -15.46
CA CYS D 24 -30.00 -4.32 -14.25
C CYS D 24 -28.53 -4.31 -13.94
N ARG D 25 -28.02 -3.24 -13.35
CA ARG D 25 -26.58 -3.18 -13.12
C ARG D 25 -26.21 -2.87 -11.65
N THR D 26 -25.22 -3.58 -11.15
CA THR D 26 -24.56 -3.17 -9.92
C THR D 26 -23.10 -3.02 -10.26
N THR D 27 -22.55 -1.83 -10.04
CA THR D 27 -21.12 -1.62 -10.19
C THR D 27 -20.56 -1.23 -8.84
N VAL D 28 -19.68 -2.08 -8.31
CA VAL D 28 -19.00 -1.80 -7.05
C VAL D 28 -17.46 -1.75 -7.22
N LEU D 29 -16.84 -0.77 -6.59
CA LEU D 29 -15.40 -0.73 -6.51
C LEU D 29 -14.93 -0.54 -5.06
N ARG D 30 -13.94 -1.35 -4.67
CA ARG D 30 -13.37 -1.40 -3.29
C ARG D 30 -11.86 -1.05 -3.22
N GLU D 31 -11.46 -0.49 -2.08
CA GLU D 31 -10.04 -0.28 -1.80
C GLU D 31 -9.65 -1.06 -0.55
N TRP D 32 -8.38 -1.02 -0.18
CA TRP D 32 -7.90 -1.70 1.00
C TRP D 32 -6.56 -1.15 1.38
N GLN D 33 -6.32 -1.02 2.68
CA GLN D 33 -5.00 -0.68 3.19
C GLN D 33 -4.90 -1.04 4.66
N ASP D 34 -4.71 -2.31 4.95
CA ASP D 34 -4.70 -2.81 6.34
C ASP D 34 -6.01 -2.49 7.04
N ASP D 35 -6.94 -3.44 7.08
CA ASP D 35 -8.29 -3.25 7.69
C ASP D 35 -9.04 -1.98 7.20
N ARG D 36 -8.87 -1.65 5.91
CA ARG D 36 -9.45 -0.38 5.43
C ARG D 36 -10.38 -0.46 4.23
N GLU D 37 -11.10 -1.57 4.07
CA GLU D 37 -12.03 -1.66 2.96
C GLU D 37 -12.97 -0.44 2.90
N LEU D 38 -12.68 0.44 1.95
CA LEU D 38 -13.62 1.44 1.45
C LEU D 38 -14.33 0.76 0.28
N GLU D 39 -15.62 1.08 0.11
CA GLU D 39 -16.44 0.38 -0.88
C GLU D 39 -17.59 1.21 -1.47
N VAL D 40 -17.51 1.55 -2.76
CA VAL D 40 -18.65 2.24 -3.37
C VAL D 40 -19.36 1.49 -4.48
N VAL D 41 -20.68 1.42 -4.29
CA VAL D 41 -21.57 0.82 -5.24
C VAL D 41 -22.41 1.90 -5.95
N THR D 42 -22.69 1.66 -7.23
CA THR D 42 -23.61 2.45 -8.02
C THR D 42 -24.36 1.47 -8.87
N ARG D 43 -25.54 1.87 -9.32
CA ARG D 43 -26.45 0.93 -10.00
C ARG D 43 -27.52 1.66 -10.78
N GLY D 44 -28.12 0.95 -11.76
CA GLY D 44 -29.07 1.55 -12.70
C GLY D 44 -29.35 0.66 -13.91
N CYS D 45 -29.87 1.24 -14.99
CA CYS D 45 -30.23 0.44 -16.16
C CYS D 45 -29.05 0.15 -17.13
N ALA D 46 -29.17 -0.88 -17.95
CA ALA D 46 -27.98 -1.52 -18.52
C ALA D 46 -27.53 -1.28 -19.97
N HIS D 47 -28.39 -1.67 -20.92
CA HIS D 47 -28.02 -1.91 -22.33
C HIS D 47 -27.51 -3.32 -22.38
N SER D 48 -28.14 -4.14 -23.20
CA SER D 48 -27.95 -5.55 -23.05
C SER D 48 -26.73 -6.00 -23.78
N GLU D 49 -25.89 -5.05 -24.19
CA GLU D 49 -24.58 -5.37 -24.75
C GLU D 49 -23.50 -5.27 -23.66
N LYS D 50 -23.85 -5.77 -22.50
CA LYS D 50 -23.05 -5.62 -21.31
C LYS D 50 -23.02 -6.94 -20.55
N THR D 51 -21.90 -7.20 -19.87
CA THR D 51 -21.65 -8.48 -19.20
C THR D 51 -21.18 -8.28 -17.76
N ASN D 52 -20.96 -9.39 -17.04
CA ASN D 52 -20.31 -9.31 -15.76
C ASN D 52 -18.82 -9.05 -15.99
N ARG D 53 -18.17 -8.20 -15.20
CA ARG D 53 -16.74 -7.93 -15.38
C ARG D 53 -15.95 -7.50 -14.13
N THR D 54 -14.69 -7.89 -14.06
CA THR D 54 -13.85 -7.54 -12.92
C THR D 54 -12.64 -6.81 -13.43
N MET D 55 -11.96 -6.09 -12.56
CA MET D 55 -10.64 -5.55 -12.84
C MET D 55 -10.06 -5.38 -11.46
N SER D 56 -8.74 -5.27 -11.35
CA SER D 56 -8.10 -5.20 -10.03
C SER D 56 -6.65 -4.92 -10.25
N TYR D 57 -6.16 -3.85 -9.63
CA TYR D 57 -4.77 -3.53 -9.73
C TYR D 57 -4.36 -2.97 -8.39
N ARG D 58 -3.07 -2.70 -8.21
CA ARG D 58 -2.60 -2.16 -6.95
C ARG D 58 -1.70 -0.93 -7.06
N MET D 59 -1.84 -0.04 -6.07
CA MET D 59 -1.08 1.20 -5.93
C MET D 59 -0.30 1.23 -4.64
N GLY D 60 0.79 0.47 -4.60
CA GLY D 60 1.63 0.41 -3.42
C GLY D 60 1.11 -0.56 -2.39
N SER D 61 0.56 -0.02 -1.30
CA SER D 61 0.01 -0.83 -0.23
C SER D 61 -1.49 -1.03 -0.39
N MET D 62 -2.09 -0.25 -1.29
CA MET D 62 -3.52 -0.34 -1.54
C MET D 62 -3.81 -1.19 -2.76
N ILE D 63 -4.87 -2.01 -2.67
CA ILE D 63 -5.26 -2.88 -3.76
C ILE D 63 -6.63 -2.42 -4.11
N ILE D 64 -6.86 -2.14 -5.40
CA ILE D 64 -8.16 -1.62 -5.77
C ILE D 64 -8.93 -2.63 -6.61
N SER D 65 -10.22 -2.82 -6.29
CA SER D 65 -10.95 -3.95 -6.84
C SER D 65 -12.36 -3.68 -7.33
N LEU D 66 -12.44 -3.61 -8.67
CA LEU D 66 -13.66 -3.33 -9.42
C LEU D 66 -14.35 -4.55 -9.89
N THR D 67 -15.66 -4.55 -9.69
CA THR D 67 -16.53 -5.61 -10.15
C THR D 67 -17.84 -4.97 -10.56
N GLU D 68 -18.41 -5.46 -11.65
CA GLU D 68 -19.69 -4.98 -12.13
C GLU D 68 -20.46 -6.17 -12.60
N THR D 69 -21.78 -6.14 -12.44
CA THR D 69 -22.59 -7.33 -12.75
C THR D 69 -23.98 -7.02 -13.20
N VAL D 70 -24.38 -7.66 -14.30
CA VAL D 70 -25.66 -7.35 -14.88
C VAL D 70 -26.62 -8.51 -14.83
N CYS D 71 -27.74 -8.26 -14.18
CA CYS D 71 -28.81 -9.22 -14.06
C CYS D 71 -29.97 -8.84 -15.00
N ALA D 72 -30.83 -9.82 -15.32
CA ALA D 72 -31.98 -9.59 -16.24
C ALA D 72 -33.33 -9.43 -15.54
N THR D 73 -33.51 -10.07 -14.39
CA THR D 73 -34.77 -10.01 -13.69
C THR D 73 -35.13 -8.60 -13.20
N ASN D 74 -36.39 -8.44 -12.80
CA ASN D 74 -36.92 -7.21 -12.19
C ASN D 74 -36.38 -6.86 -10.84
N LEU D 75 -36.24 -5.55 -10.61
CA LEU D 75 -35.70 -4.97 -9.36
C LEU D 75 -34.60 -5.79 -8.73
N CYS D 76 -33.75 -6.34 -9.56
CA CYS D 76 -32.90 -7.41 -9.10
C CYS D 76 -31.58 -6.93 -8.55
N ASN D 77 -31.37 -5.61 -8.52
CA ASN D 77 -30.04 -5.11 -8.20
C ASN D 77 -29.94 -4.24 -6.94
N ARG D 78 -30.22 -4.84 -5.78
CA ARG D 78 -30.12 -4.14 -4.50
C ARG D 78 -28.90 -4.56 -3.63
N PRO D 79 -29.14 -5.10 -2.41
CA PRO D 79 -28.45 -4.83 -1.13
C PRO D 79 -26.90 -4.93 -1.12
N ARG D 80 -26.35 -5.96 -0.45
CA ARG D 80 -24.90 -6.26 -0.46
C ARG D 80 -24.37 -6.04 -1.87
N PRO D 81 -23.22 -5.33 -2.01
CA PRO D 81 -22.72 -4.79 -3.27
C PRO D 81 -22.45 -5.84 -4.34
N TYR D 93 -5.09 -19.49 -11.42
CA TYR D 93 -4.89 -18.58 -10.30
C TYR D 93 -4.02 -17.40 -10.73
N LEU D 94 -3.10 -17.67 -11.66
CA LEU D 94 -2.38 -16.68 -12.49
C LEU D 94 -1.86 -15.40 -11.83
N GLU D 95 -0.55 -15.19 -11.93
CA GLU D 95 0.11 -13.96 -11.43
C GLU D 95 0.44 -12.97 -12.55
N CYS D 96 0.11 -11.69 -12.33
CA CYS D 96 0.36 -10.66 -13.33
C CYS D 96 1.17 -9.52 -12.79
N ALA D 97 1.68 -8.72 -13.71
CA ALA D 97 2.25 -7.44 -13.37
C ALA D 97 1.10 -6.54 -13.02
N SER D 98 1.35 -5.53 -12.21
CA SER D 98 0.35 -4.54 -11.95
C SER D 98 0.94 -3.17 -11.76
N CYS D 99 0.45 -2.20 -12.52
CA CYS D 99 0.93 -0.82 -12.40
C CYS D 99 -0.18 0.14 -12.73
N THR D 100 0.10 1.40 -12.49
CA THR D 100 -0.82 2.45 -12.84
C THR D 100 -0.03 3.66 -13.31
N SER D 101 -0.31 4.14 -14.51
CA SER D 101 0.21 5.44 -14.90
C SER D 101 0.08 6.48 -13.79
N LEU D 102 -0.90 6.34 -12.91
CA LEU D 102 -1.28 7.43 -12.02
C LEU D 102 -0.21 7.83 -11.04
N ASP D 103 0.53 6.85 -10.56
CA ASP D 103 1.59 7.04 -9.58
C ASP D 103 2.94 7.44 -10.23
N GLN D 104 3.00 7.31 -11.57
CA GLN D 104 4.23 7.20 -12.38
C GLN D 104 4.77 5.78 -12.17
N SER D 105 3.83 4.84 -12.12
CA SER D 105 4.04 3.50 -11.53
C SER D 105 4.62 2.45 -12.46
N CYS D 106 4.40 2.58 -13.76
CA CYS D 106 4.96 1.59 -14.69
C CYS D 106 6.43 1.82 -14.96
N GLU D 107 6.71 2.83 -15.79
CA GLU D 107 8.08 3.29 -16.12
C GLU D 107 9.23 2.54 -15.39
N ARG D 108 9.29 2.67 -14.05
CA ARG D 108 10.38 2.12 -13.22
C ARG D 108 10.77 0.67 -13.55
N GLY D 109 9.84 -0.25 -13.32
CA GLY D 109 10.08 -1.67 -13.58
C GLY D 109 10.43 -2.44 -12.32
N ARG D 110 10.13 -1.84 -11.18
CA ARG D 110 10.07 -2.54 -9.89
C ARG D 110 8.59 -2.77 -9.48
N GLU D 111 7.75 -3.05 -10.48
CA GLU D 111 6.27 -3.19 -10.43
C GLU D 111 5.62 -3.81 -9.19
N GLN D 112 4.39 -4.28 -9.33
CA GLN D 112 3.63 -4.67 -8.14
C GLN D 112 2.81 -5.95 -8.29
N SER D 113 3.13 -6.77 -9.29
CA SER D 113 2.58 -8.12 -9.45
C SER D 113 1.59 -8.62 -8.38
N LEU D 114 0.38 -9.00 -8.79
CA LEU D 114 -0.57 -9.65 -7.86
C LEU D 114 -1.25 -10.89 -8.45
N GLN D 115 -1.73 -11.77 -7.57
CA GLN D 115 -2.39 -12.98 -8.02
C GLN D 115 -3.83 -12.69 -8.38
N CYS D 116 -4.34 -13.40 -9.39
CA CYS D 116 -5.73 -13.24 -9.81
C CYS D 116 -6.69 -13.95 -8.87
N ARG D 117 -7.86 -13.37 -8.61
CA ARG D 117 -8.90 -14.04 -7.83
C ARG D 117 -9.37 -15.28 -8.57
N TYR D 118 -10.22 -15.09 -9.58
CA TYR D 118 -10.93 -16.21 -10.21
C TYR D 118 -10.20 -16.83 -11.38
N PRO D 119 -9.85 -18.13 -11.30
CA PRO D 119 -9.40 -18.75 -12.56
C PRO D 119 -10.43 -18.55 -13.71
N THR D 120 -10.16 -17.54 -14.55
CA THR D 120 -11.06 -16.96 -15.58
C THR D 120 -10.87 -15.44 -15.61
N GLU D 121 -9.77 -15.01 -15.00
CA GLU D 121 -9.42 -13.61 -14.92
C GLU D 121 -8.03 -13.55 -15.55
N HIS D 122 -7.89 -12.71 -16.56
CA HIS D 122 -6.67 -12.61 -17.34
C HIS D 122 -5.77 -11.48 -16.84
N CYS D 123 -4.47 -11.61 -17.06
CA CYS D 123 -3.62 -10.46 -16.91
C CYS D 123 -4.11 -9.54 -18.00
N ILE D 124 -4.40 -8.31 -17.63
CA ILE D 124 -4.88 -7.36 -18.60
C ILE D 124 -4.13 -6.05 -18.57
N GLU D 125 -4.03 -5.42 -19.74
CA GLU D 125 -3.57 -4.04 -19.79
C GLU D 125 -4.59 -3.17 -20.51
N VAL D 126 -4.78 -1.98 -19.98
CA VAL D 126 -5.69 -1.02 -20.58
C VAL D 126 -5.07 0.34 -20.64
N VAL D 127 -4.82 0.79 -21.87
CA VAL D 127 -4.28 2.10 -22.04
C VAL D 127 -5.38 3.08 -22.48
N THR D 128 -5.22 4.34 -22.10
CA THR D 128 -6.21 5.37 -22.38
C THR D 128 -5.52 6.72 -22.56
N LEU D 129 -5.10 6.98 -23.78
CA LEU D 129 -4.45 8.23 -24.06
C LEU D 129 -5.41 9.17 -24.77
N GLN D 130 -5.40 10.43 -24.35
CA GLN D 130 -6.29 11.42 -24.93
C GLN D 130 -5.54 12.68 -25.38
N SER D 131 -6.16 13.84 -25.17
CA SER D 131 -5.52 15.13 -25.40
C SER D 131 -6.04 16.20 -24.45
N THR D 132 -5.10 16.86 -23.77
CA THR D 132 -5.31 17.93 -22.77
C THR D 132 -6.72 18.11 -22.19
N GLU D 133 -7.64 18.66 -22.98
CA GLU D 133 -9.03 18.78 -22.56
C GLU D 133 -9.46 17.61 -21.63
N ARG D 134 -9.21 16.37 -22.07
CA ARG D 134 -9.41 15.15 -21.26
C ARG D 134 -10.86 14.97 -20.85
N SER D 135 -11.66 14.45 -21.76
CA SER D 135 -13.09 14.26 -21.49
C SER D 135 -13.36 13.07 -20.55
N LEU D 136 -12.51 12.06 -20.55
CA LEU D 136 -12.58 11.03 -19.52
C LEU D 136 -11.62 11.38 -18.40
N LYS D 137 -11.95 10.96 -17.18
CA LYS D 137 -11.05 11.17 -16.04
C LYS D 137 -10.36 9.87 -15.72
N ASP D 138 -10.12 9.06 -16.74
CA ASP D 138 -9.38 7.82 -16.58
C ASP D 138 -7.89 8.06 -16.47
N GLU D 139 -7.12 6.99 -16.56
CA GLU D 139 -5.66 7.05 -16.40
C GLU D 139 -4.95 6.44 -17.59
N ASP D 140 -3.83 7.03 -17.94
CA ASP D 140 -3.16 6.66 -19.15
C ASP D 140 -2.94 5.15 -19.26
N TYR D 141 -2.23 4.57 -18.29
CA TYR D 141 -1.85 3.15 -18.34
C TYR D 141 -2.22 2.47 -17.03
N THR D 142 -2.66 1.22 -17.11
CA THR D 142 -3.16 0.47 -15.96
C THR D 142 -3.08 -1.01 -16.24
N ARG D 143 -2.26 -1.73 -15.47
CA ARG D 143 -2.19 -3.18 -15.63
C ARG D 143 -2.49 -3.90 -14.34
N GLY D 144 -3.08 -5.09 -14.47
CA GLY D 144 -3.60 -5.82 -13.33
C GLY D 144 -4.38 -7.03 -13.79
N CYS D 145 -5.09 -7.65 -12.87
CA CYS D 145 -5.93 -8.81 -13.18
C CYS D 145 -7.27 -8.28 -13.58
N GLY D 146 -7.90 -8.93 -14.56
CA GLY D 146 -9.25 -8.53 -14.96
C GLY D 146 -10.02 -9.62 -15.68
N SER D 147 -11.27 -9.32 -16.03
CA SER D 147 -12.06 -10.12 -16.97
C SER D 147 -13.02 -9.17 -17.61
N LEU D 148 -12.82 -8.93 -18.89
CA LEU D 148 -13.58 -7.91 -19.59
C LEU D 148 -13.94 -8.41 -20.98
N PRO D 149 -14.53 -7.53 -21.78
CA PRO D 149 -15.03 -7.84 -23.11
C PRO D 149 -14.02 -8.47 -24.06
N GLY D 150 -14.47 -9.53 -24.74
CA GLY D 150 -13.70 -10.25 -25.76
C GLY D 150 -12.36 -10.70 -25.24
N CYS D 151 -12.37 -11.27 -24.04
CA CYS D 151 -11.16 -11.40 -23.25
C CYS D 151 -10.05 -12.31 -23.83
N PRO D 152 -10.32 -13.60 -24.06
CA PRO D 152 -9.16 -14.27 -24.68
C PRO D 152 -8.88 -13.58 -26.01
N GLY D 153 -7.94 -12.63 -26.01
CA GLY D 153 -7.68 -11.77 -27.18
C GLY D 153 -7.50 -10.31 -26.80
N THR D 154 -7.46 -9.42 -27.78
CA THR D 154 -7.38 -7.96 -27.49
C THR D 154 -8.16 -7.12 -28.50
N ALA D 155 -8.24 -5.80 -28.27
CA ALA D 155 -8.96 -4.84 -29.14
C ALA D 155 -8.76 -3.36 -28.77
N GLY D 156 -8.69 -2.49 -29.78
CA GLY D 156 -8.38 -1.10 -29.56
C GLY D 156 -8.79 -0.16 -30.68
N PHE D 157 -8.69 1.13 -30.40
CA PHE D 157 -9.19 2.18 -31.28
C PHE D 157 -8.27 3.39 -31.19
N HIS D 158 -8.02 4.05 -32.32
CA HIS D 158 -7.40 5.38 -32.27
C HIS D 158 -7.86 6.40 -33.29
N SER D 159 -7.70 7.52 -32.74
CA SER D 159 -7.97 8.69 -33.50
C SER D 159 -6.71 9.56 -33.43
N ASN D 160 -6.67 10.66 -34.16
CA ASN D 160 -5.57 11.62 -34.02
C ASN D 160 -5.47 12.09 -32.56
N GLN D 161 -6.62 12.31 -31.94
CA GLN D 161 -6.66 12.80 -30.56
C GLN D 161 -6.65 11.70 -29.49
N THR D 162 -7.52 10.66 -29.83
CA THR D 162 -7.60 9.67 -28.77
C THR D 162 -6.97 8.31 -29.10
N PHE D 163 -6.70 7.55 -28.04
CA PHE D 163 -6.31 6.16 -28.15
C PHE D 163 -6.89 5.30 -27.01
N HIS D 164 -7.24 4.07 -27.35
CA HIS D 164 -7.72 3.07 -26.41
C HIS D 164 -7.22 1.73 -26.83
N PHE D 165 -6.71 0.98 -25.87
CA PHE D 165 -6.27 -0.38 -26.12
C PHE D 165 -6.44 -1.27 -24.88
N LEU D 166 -6.79 -2.52 -25.12
CA LEU D 166 -6.97 -3.50 -24.08
C LEU D 166 -6.31 -4.79 -24.50
N LYS D 167 -5.62 -5.40 -23.54
CA LYS D 167 -4.96 -6.69 -23.74
C LYS D 167 -5.29 -7.64 -22.57
N CYS D 168 -5.95 -8.78 -22.88
CA CYS D 168 -6.18 -9.89 -21.93
C CYS D 168 -5.24 -11.02 -22.29
N CYS D 169 -4.40 -11.44 -21.35
CA CYS D 169 -3.53 -12.59 -21.58
C CYS D 169 -3.81 -13.67 -20.55
N ASN D 170 -3.33 -14.88 -20.78
CA ASN D 170 -3.70 -16.01 -19.95
C ASN D 170 -2.50 -16.89 -19.57
N TYR D 171 -1.36 -16.26 -19.26
CA TYR D 171 -0.14 -16.99 -18.85
C TYR D 171 0.84 -16.15 -18.07
N THR D 172 1.22 -16.65 -16.89
CA THR D 172 1.95 -15.87 -15.89
C THR D 172 2.69 -14.67 -16.44
N HIS D 173 2.35 -13.52 -15.90
CA HIS D 173 3.11 -12.31 -16.10
C HIS D 173 3.22 -11.81 -17.52
N CYS D 174 2.18 -11.96 -18.31
CA CYS D 174 2.24 -11.50 -19.72
C CYS D 174 1.85 -10.04 -19.92
N ASN D 175 2.61 -9.14 -19.29
CA ASN D 175 2.50 -7.70 -19.56
C ASN D 175 3.66 -6.88 -18.99
N GLY D 176 4.78 -6.88 -19.68
CA GLY D 176 6.01 -6.37 -19.11
C GLY D 176 6.44 -5.00 -19.59
N GLY D 177 7.45 -4.46 -18.90
CA GLY D 177 8.12 -3.17 -19.18
C GLY D 177 7.50 -2.37 -20.31
N PRO D 178 7.79 -2.74 -21.56
CA PRO D 178 7.05 -2.23 -22.69
C PRO D 178 5.64 -1.76 -22.27
N VAL D 179 5.57 -0.50 -21.85
CA VAL D 179 4.31 0.21 -21.62
C VAL D 179 3.71 0.61 -22.95
N LEU D 180 2.75 -0.16 -23.43
CA LEU D 180 2.32 -0.15 -24.85
C LEU D 180 1.73 1.17 -25.39
N ASP D 181 2.61 2.10 -25.82
CA ASP D 181 2.16 3.37 -26.43
C ASP D 181 2.07 3.33 -27.95
N LEU D 182 1.68 4.44 -28.56
CA LEU D 182 1.35 4.44 -29.98
C LEU D 182 2.54 4.30 -30.95
N GLN D 183 3.53 5.18 -30.82
CA GLN D 183 4.80 5.05 -31.52
C GLN D 183 5.17 3.57 -31.72
N SER D 184 4.77 2.74 -30.75
CA SER D 184 5.11 1.31 -30.67
C SER D 184 4.46 0.41 -31.72
N PHE D 185 3.50 0.93 -32.48
CA PHE D 185 2.85 0.10 -33.49
C PHE D 185 3.21 0.47 -34.94
N PRO D 186 3.55 -0.54 -35.77
CA PRO D 186 3.86 -0.27 -37.16
C PRO D 186 2.61 0.16 -37.94
N PRO D 187 2.65 1.33 -38.62
CA PRO D 187 1.48 1.69 -39.43
C PRO D 187 1.17 0.57 -40.41
N ASN D 188 -0.06 0.07 -40.39
CA ASN D 188 -0.44 -1.14 -41.16
C ASN D 188 -0.75 -0.94 -42.64
N GLY D 189 -0.95 0.31 -43.06
CA GLY D 189 -1.10 0.66 -44.49
C GLY D 189 -2.50 1.05 -44.88
N PHE D 190 -3.44 0.77 -43.99
CA PHE D 190 -4.79 1.24 -44.15
C PHE D 190 -4.79 2.70 -43.70
N GLN D 191 -5.89 3.40 -43.99
CA GLN D 191 -6.14 4.72 -43.43
C GLN D 191 -7.64 4.89 -43.21
N CYS D 192 -8.03 5.70 -42.22
CA CYS D 192 -9.45 5.99 -41.98
C CYS D 192 -9.59 7.43 -41.58
N TYR D 193 -10.79 7.98 -41.71
CA TYR D 193 -11.00 9.38 -41.40
C TYR D 193 -11.13 9.48 -39.92
N SER D 194 -10.09 9.98 -39.29
CA SER D 194 -10.16 10.21 -37.87
C SER D 194 -10.84 11.53 -37.61
N CYS D 195 -11.49 11.62 -36.45
CA CYS D 195 -12.20 12.82 -36.06
C CYS D 195 -12.88 12.70 -34.68
N GLU D 196 -12.85 13.81 -33.95
CA GLU D 196 -13.68 14.09 -32.76
C GLU D 196 -13.49 15.56 -32.32
N GLY D 197 -14.37 16.45 -32.82
CA GLY D 197 -14.29 17.88 -32.49
C GLY D 197 -15.42 18.78 -32.96
N ASN D 198 -16.42 18.20 -33.64
CA ASN D 198 -17.55 18.95 -34.21
C ASN D 198 -18.90 18.18 -34.38
N ASN D 199 -19.27 17.89 -35.64
CA ASN D 199 -20.54 17.19 -36.01
C ASN D 199 -20.72 16.95 -37.55
N THR D 200 -21.79 17.52 -38.12
CA THR D 200 -22.17 17.31 -39.54
C THR D 200 -21.76 18.49 -40.43
N LEU D 201 -20.99 19.41 -39.85
CA LEU D 201 -20.11 20.31 -40.58
C LEU D 201 -18.95 20.66 -39.63
N GLY D 202 -17.75 20.77 -40.18
CA GLY D 202 -16.54 20.80 -39.38
C GLY D 202 -15.90 19.43 -39.35
N CYS D 203 -16.50 18.51 -38.61
CA CYS D 203 -16.03 17.12 -38.55
C CYS D 203 -16.93 16.24 -39.43
N SER D 204 -17.41 16.83 -40.51
CA SER D 204 -18.20 16.14 -41.53
C SER D 204 -17.27 15.71 -42.65
N SER D 205 -17.70 15.95 -43.90
CA SER D 205 -16.82 15.85 -45.07
C SER D 205 -16.03 17.16 -45.20
N GLU D 206 -16.22 18.03 -44.19
CA GLU D 206 -15.45 19.25 -43.99
C GLU D 206 -14.07 18.90 -43.42
N GLU D 207 -13.47 17.89 -44.03
CA GLU D 207 -12.03 17.62 -43.89
C GLU D 207 -11.60 17.31 -42.47
N ALA D 208 -12.31 16.38 -41.84
CA ALA D 208 -11.84 15.83 -40.56
C ALA D 208 -10.74 14.81 -40.86
N SER D 209 -9.51 15.20 -40.57
CA SER D 209 -8.31 14.51 -41.00
C SER D 209 -8.44 13.07 -41.52
N LEU D 210 -7.50 12.73 -42.39
CA LEU D 210 -7.20 11.35 -42.72
C LEU D 210 -6.13 10.90 -41.74
N ILE D 211 -6.14 9.62 -41.37
CA ILE D 211 -5.02 9.09 -40.58
C ILE D 211 -4.74 7.68 -41.02
N ASN D 212 -3.45 7.34 -41.07
CA ASN D 212 -3.01 5.96 -41.33
C ASN D 212 -3.14 5.23 -40.03
N CYS D 213 -3.67 4.02 -40.11
CA CYS D 213 -3.92 3.23 -38.92
C CYS D 213 -2.68 2.44 -38.51
N ARG D 214 -2.61 2.07 -37.22
CA ARG D 214 -1.46 1.31 -36.68
C ARG D 214 -1.86 -0.02 -36.03
N GLY D 215 -0.87 -0.83 -35.69
CA GLY D 215 -1.07 -2.12 -35.05
C GLY D 215 -2.12 -3.01 -35.70
N PRO D 216 -3.01 -3.61 -34.87
CA PRO D 216 -3.97 -4.60 -35.32
C PRO D 216 -5.24 -3.93 -35.78
N MET D 217 -5.15 -2.63 -36.06
CA MET D 217 -6.31 -1.79 -36.31
C MET D 217 -6.48 -1.45 -37.79
N ASN D 218 -7.31 -2.23 -38.46
CA ASN D 218 -7.49 -2.10 -39.88
C ASN D 218 -8.95 -2.00 -40.26
N GLN D 219 -9.81 -1.73 -39.28
CA GLN D 219 -11.21 -1.41 -39.56
C GLN D 219 -11.41 0.05 -39.38
N CYS D 220 -12.23 0.64 -40.24
CA CYS D 220 -12.64 2.02 -40.05
C CYS D 220 -13.93 2.04 -39.26
N LEU D 221 -14.12 3.08 -38.46
CA LEU D 221 -15.26 3.10 -37.55
C LEU D 221 -15.92 4.48 -37.43
N VAL D 222 -17.26 4.46 -37.48
CA VAL D 222 -18.10 5.60 -37.12
C VAL D 222 -18.82 5.36 -35.77
N ALA D 223 -19.20 6.44 -35.09
CA ALA D 223 -20.02 6.38 -33.88
C ALA D 223 -20.90 7.63 -33.73
N THR D 224 -22.09 7.50 -33.16
CA THR D 224 -23.00 8.63 -33.02
C THR D 224 -23.80 8.48 -31.76
N GLY D 225 -24.02 9.61 -31.08
CA GLY D 225 -24.76 9.64 -29.83
C GLY D 225 -25.55 10.91 -29.64
N LEU D 226 -26.88 10.78 -29.74
CA LEU D 226 -27.79 11.89 -29.46
C LEU D 226 -27.73 12.13 -27.97
N ASP D 227 -27.91 13.38 -27.58
CA ASP D 227 -27.73 13.76 -26.18
C ASP D 227 -29.05 14.09 -25.48
N VAL D 228 -29.56 15.31 -25.65
CA VAL D 228 -30.70 15.79 -24.90
C VAL D 228 -30.20 16.49 -23.64
N ARG D 232 -24.87 18.88 -28.83
CA ARG D 232 -25.81 17.81 -28.53
C ARG D 232 -25.66 16.56 -29.41
N SER D 233 -25.40 16.74 -30.69
CA SER D 233 -25.08 15.63 -31.59
C SER D 233 -23.58 15.34 -31.49
N TYR D 234 -23.21 14.10 -31.24
CA TYR D 234 -21.82 13.84 -30.92
C TYR D 234 -21.32 12.58 -31.64
N THR D 235 -20.17 12.67 -32.30
CA THR D 235 -19.71 11.55 -33.17
C THR D 235 -18.21 11.31 -33.26
N VAL D 236 -17.86 10.03 -33.22
CA VAL D 236 -16.49 9.61 -33.22
C VAL D 236 -16.23 8.69 -34.39
N ARG D 237 -15.12 8.93 -35.08
CA ARG D 237 -14.63 8.11 -36.16
C ARG D 237 -13.13 7.95 -36.00
N GLY D 238 -12.63 6.74 -36.26
CA GLY D 238 -11.20 6.38 -36.10
C GLY D 238 -10.85 4.98 -36.60
N CYS D 239 -9.71 4.44 -36.16
CA CYS D 239 -9.23 3.10 -36.58
C CYS D 239 -9.44 2.00 -35.53
N ALA D 240 -9.95 0.85 -35.93
CA ALA D 240 -10.31 -0.14 -34.93
C ALA D 240 -9.85 -1.57 -35.20
N THR D 241 -9.75 -2.30 -34.09
CA THR D 241 -9.69 -3.74 -34.12
C THR D 241 -11.12 -4.18 -34.33
N ALA D 242 -11.27 -5.35 -34.94
CA ALA D 242 -12.58 -5.86 -35.33
C ALA D 242 -13.46 -6.13 -34.12
N SER D 243 -12.86 -6.34 -32.96
CA SER D 243 -13.58 -6.72 -31.77
C SER D 243 -13.66 -5.56 -30.82
N TRP D 244 -13.13 -4.42 -31.24
CA TRP D 244 -13.44 -3.17 -30.55
C TRP D 244 -14.66 -2.57 -31.17
N CYS D 245 -15.25 -3.30 -32.12
CA CYS D 245 -16.47 -2.89 -32.82
C CYS D 245 -17.74 -3.52 -32.20
N GLN D 246 -17.59 -4.47 -31.28
CA GLN D 246 -18.77 -5.03 -30.58
C GLN D 246 -18.69 -5.25 -29.07
N GLY D 247 -19.85 -5.39 -28.44
CA GLY D 247 -19.94 -5.32 -27.00
C GLY D 247 -19.84 -3.85 -26.64
N SER D 248 -19.53 -3.59 -25.37
CA SER D 248 -19.53 -2.23 -24.83
C SER D 248 -18.48 -1.31 -25.48
N HIS D 249 -17.20 -1.60 -25.24
CA HIS D 249 -16.08 -0.78 -25.69
C HIS D 249 -16.39 0.63 -26.11
N VAL D 250 -16.71 0.78 -27.38
CA VAL D 250 -16.93 2.08 -27.95
C VAL D 250 -17.91 2.85 -27.10
N ALA D 251 -19.03 2.22 -26.73
CA ALA D 251 -20.08 2.86 -25.94
C ALA D 251 -19.49 3.73 -24.85
N ASP D 252 -18.84 3.09 -23.88
CA ASP D 252 -18.22 3.80 -22.79
C ASP D 252 -16.86 4.33 -23.23
N SER D 253 -16.83 4.89 -24.44
CA SER D 253 -15.71 5.67 -24.91
C SER D 253 -15.85 7.11 -24.38
N PHE D 254 -17.08 7.53 -24.08
CA PHE D 254 -17.38 8.88 -23.58
C PHE D 254 -18.48 8.83 -22.49
N PRO D 255 -19.06 10.01 -22.11
CA PRO D 255 -20.30 10.09 -21.24
C PRO D 255 -21.58 9.34 -21.73
N THR D 256 -22.51 9.06 -20.81
CA THR D 256 -23.62 8.09 -21.02
C THR D 256 -24.58 8.40 -22.20
N HIS D 257 -25.09 7.34 -22.85
CA HIS D 257 -25.92 7.48 -24.07
C HIS D 257 -26.96 6.40 -24.37
N LEU D 258 -27.88 6.70 -25.31
CA LEU D 258 -29.06 5.85 -25.61
C LEU D 258 -28.90 5.05 -26.90
N ASN D 259 -28.94 3.72 -26.74
CA ASN D 259 -28.55 2.72 -27.75
C ASN D 259 -27.94 3.29 -29.05
N VAL D 260 -27.03 4.24 -28.84
CA VAL D 260 -26.30 4.93 -29.90
C VAL D 260 -25.26 3.98 -30.48
N SER D 261 -25.01 4.10 -31.78
CA SER D 261 -24.49 2.96 -32.50
C SER D 261 -23.20 3.20 -33.21
N VAL D 262 -22.68 2.12 -33.73
CA VAL D 262 -21.33 2.03 -34.22
C VAL D 262 -21.37 1.35 -35.56
N SER D 263 -20.76 1.97 -36.56
CA SER D 263 -20.61 1.31 -37.85
C SER D 263 -19.15 0.91 -38.12
N CYS D 264 -18.95 -0.39 -38.37
CA CYS D 264 -17.61 -0.96 -38.56
C CYS D 264 -17.56 -1.60 -39.93
N CYS D 265 -16.75 -1.03 -40.79
CA CYS D 265 -16.55 -1.55 -42.13
C CYS D 265 -15.25 -2.33 -42.15
N HIS D 266 -14.96 -2.95 -43.29
CA HIS D 266 -13.57 -3.17 -43.68
C HIS D 266 -13.38 -2.62 -45.09
N GLY D 267 -12.27 -1.92 -45.30
CA GLY D 267 -12.01 -1.24 -46.56
C GLY D 267 -11.50 0.15 -46.27
N SER D 268 -10.27 0.40 -46.67
CA SER D 268 -9.57 1.64 -46.37
C SER D 268 -10.33 2.90 -46.81
N GLY D 269 -10.39 3.89 -45.93
CA GLY D 269 -11.04 5.15 -46.26
C GLY D 269 -12.54 5.04 -46.25
N CYS D 270 -13.04 3.83 -46.04
CA CYS D 270 -14.48 3.51 -46.15
C CYS D 270 -15.37 4.49 -45.39
N ASN D 271 -14.97 4.82 -44.16
CA ASN D 271 -15.81 5.60 -43.25
C ASN D 271 -15.82 7.09 -43.60
N SER D 272 -15.90 7.37 -44.89
CA SER D 272 -16.07 8.73 -45.39
C SER D 272 -17.42 9.25 -44.91
N PRO D 273 -17.44 10.50 -44.42
CA PRO D 273 -18.66 11.19 -44.07
C PRO D 273 -19.57 11.50 -45.29
N THR D 274 -18.95 11.74 -46.46
CA THR D 274 -19.61 11.75 -47.80
C THR D 274 -20.82 12.68 -48.06
#